data_3X07
#
_entry.id   3X07
#
_cell.length_a   108.123
_cell.length_b   185.069
_cell.length_c   107.127
_cell.angle_alpha   90.00
_cell.angle_beta   90.00
_cell.angle_gamma   90.00
#
_symmetry.space_group_name_H-M   'C 2 2 21'
#
loop_
_entity.id
_entity.type
_entity.pdbx_description
1 polymer 'Phosphatidylinositol 5-phosphate 4-kinase type-2 beta'
2 non-polymer 'ADENOSINE MONOPHOSPHATE'
3 water water
#
_entity_poly.entity_id   1
_entity_poly.type   'polypeptide(L)'
_entity_poly.pdbx_seq_one_letter_code
;GPNCAPGQKVKLFRASEPILSVLMWGVNHTINELSNVPVPVMLMPDDFKAYSKIKVDNHLFNKENLPSRFKFKEYCPMVF
RNLRERFGIDDQDYQNSVTRSAPINSDSQGRCGTRFLTTYDRRFVIKTVSSEDVAEMHNILKKYHQFIVECHGNTLLPQF
LGMYRLTVDGVETYMVVTRAVFSHRLTVHRKYDLKGSTVAREASDKEKAKDLPTFKDNDFLNEGQKLHVGEESKKNFLEK
LKRDVEFLAQLKIMDYSLLVGIHDVDRAEQEEMEVEERAEDEECENDGVGGNLLCSYGTPPDSPGNLLSFPRFFGPGEFD
PSVDVYAMKSHESSPKKEVYFMAIIDILTPYDTKKKAAHAAKTVKHGAGAEISTVNPEQYSKRFNEFMSNILT
;
_entity_poly.pdbx_strand_id   A,B
#
loop_
_chem_comp.id
_chem_comp.type
_chem_comp.name
_chem_comp.formula
AMP non-polymer 'ADENOSINE MONOPHOSPHATE' 'C10 H14 N5 O7 P'
#
# COMPACT_ATOMS: atom_id res chain seq x y z
N LYS A 9 -9.44 6.95 8.66
CA LYS A 9 -8.96 6.01 7.66
C LYS A 9 -7.67 6.52 7.02
N VAL A 10 -7.48 7.82 7.05
CA VAL A 10 -6.39 8.47 6.34
C VAL A 10 -5.08 8.53 7.13
N LYS A 11 -4.03 7.89 6.58
CA LYS A 11 -2.70 7.86 7.19
C LYS A 11 -1.76 8.86 6.53
N LEU A 12 -1.16 9.72 7.34
CA LEU A 12 -0.33 10.78 6.80
C LEU A 12 1.16 10.45 6.88
N PHE A 13 1.49 9.45 7.68
CA PHE A 13 2.89 9.05 7.96
C PHE A 13 3.70 10.19 8.59
N ARG A 14 3.04 10.97 9.43
CA ARG A 14 3.75 12.05 10.09
C ARG A 14 4.71 11.49 11.13
N ALA A 15 5.95 11.95 11.10
CA ALA A 15 6.94 11.55 12.10
C ALA A 15 8.00 12.62 12.30
N SER A 16 8.62 12.59 13.48
CA SER A 16 9.71 13.52 13.80
C SER A 16 10.89 13.41 12.83
N GLU A 17 11.12 12.25 12.25
CA GLU A 17 12.20 12.09 11.29
C GLU A 17 11.70 11.39 10.03
N PRO A 18 12.27 11.74 8.88
CA PRO A 18 11.85 11.14 7.61
C PRO A 18 12.01 9.62 7.59
N ILE A 19 13.11 9.13 8.15
CA ILE A 19 13.34 7.71 8.26
C ILE A 19 12.09 7.03 8.82
N LEU A 20 11.59 7.55 9.94
CA LEU A 20 10.39 7.02 10.56
C LEU A 20 9.13 6.98 9.67
N SER A 21 8.92 8.05 8.91
CA SER A 21 7.83 8.10 7.97
C SER A 21 8.00 7.03 6.92
N VAL A 22 9.23 6.87 6.44
CA VAL A 22 9.50 5.88 5.43
C VAL A 22 9.23 4.52 6.01
N LEU A 23 9.69 4.28 7.25
CA LEU A 23 9.36 3.04 7.95
C LEU A 23 7.87 2.80 8.00
N MET A 24 7.09 3.83 8.33
CA MET A 24 5.64 3.65 8.47
C MET A 24 5.05 3.34 7.10
N TRP A 25 5.53 4.08 6.11
CA TRP A 25 5.11 3.86 4.74
C TRP A 25 5.39 2.42 4.27
N GLY A 26 6.60 1.93 4.52
CA GLY A 26 7.03 0.62 4.07
C GLY A 26 6.26 -0.53 4.70
N VAL A 27 6.10 -0.48 6.03
CA VAL A 27 5.33 -1.53 6.71
C VAL A 27 3.91 -1.49 6.18
N ASN A 28 3.39 -0.29 5.98
CA ASN A 28 2.06 -0.17 5.48
C ASN A 28 1.92 -0.74 4.09
N HIS A 29 2.81 -0.29 3.21
CA HIS A 29 2.86 -0.77 1.84
C HIS A 29 3.10 -2.29 1.70
N THR A 30 4.09 -2.81 2.42
CA THR A 30 4.43 -4.22 2.25
C THR A 30 3.40 -5.17 2.85
N ILE A 31 2.70 -4.72 3.89
CA ILE A 31 1.69 -5.54 4.55
C ILE A 31 0.46 -5.62 3.63
N ASN A 32 0.08 -4.50 3.04
CA ASN A 32 -0.97 -4.51 2.02
C ASN A 32 -0.67 -5.42 0.84
N GLU A 33 0.56 -5.40 0.35
CA GLU A 33 0.91 -6.27 -0.77
C GLU A 33 0.76 -7.73 -0.31
N LEU A 34 1.30 -8.06 0.85
CA LEU A 34 1.20 -9.41 1.36
C LEU A 34 -0.26 -9.86 1.38
N SER A 35 -1.17 -8.90 1.50
CA SER A 35 -2.57 -9.21 1.71
C SER A 35 -3.18 -9.73 0.41
N ASN A 36 -2.50 -9.46 -0.68
CA ASN A 36 -2.91 -10.04 -1.95
C ASN A 36 -2.12 -11.31 -2.29
N VAL A 37 -1.21 -11.71 -1.40
CA VAL A 37 -0.37 -12.88 -1.64
C VAL A 37 -0.87 -14.09 -0.85
N PRO A 38 -1.44 -15.06 -1.56
CA PRO A 38 -2.03 -16.25 -0.92
C PRO A 38 -1.14 -16.82 0.19
N VAL A 39 -1.75 -17.41 1.20
CA VAL A 39 -0.96 -17.97 2.29
C VAL A 39 -0.55 -19.41 1.98
N PRO A 40 0.77 -19.65 1.83
CA PRO A 40 1.32 -20.93 1.36
C PRO A 40 1.08 -22.08 2.32
N VAL A 41 0.93 -23.28 1.75
CA VAL A 41 0.81 -24.51 2.51
C VAL A 41 2.00 -24.60 3.46
N MET A 42 3.20 -24.55 2.88
CA MET A 42 4.43 -24.45 3.63
C MET A 42 5.33 -23.39 3.00
N LEU A 43 6.46 -23.11 3.64
CA LEU A 43 7.46 -22.22 3.07
C LEU A 43 8.41 -23.03 2.19
N MET A 44 9.10 -22.33 1.30
CA MET A 44 10.03 -22.96 0.37
C MET A 44 11.43 -22.38 0.58
N PRO A 45 12.47 -23.19 0.33
CA PRO A 45 13.86 -22.74 0.49
C PRO A 45 14.15 -21.36 -0.12
N ASP A 46 13.53 -21.03 -1.26
CA ASP A 46 13.74 -19.71 -1.88
C ASP A 46 13.13 -18.57 -1.07
N ASP A 47 12.03 -18.85 -0.36
CA ASP A 47 11.43 -17.85 0.51
C ASP A 47 12.46 -17.30 1.51
N PHE A 48 13.56 -18.01 1.69
CA PHE A 48 14.57 -17.64 2.67
C PHE A 48 15.71 -16.84 2.05
N LYS A 49 15.65 -16.73 0.72
CA LYS A 49 16.60 -15.94 -0.04
C LYS A 49 15.85 -14.83 -0.79
N ALA A 50 14.55 -14.70 -0.51
CA ALA A 50 13.72 -13.72 -1.20
C ALA A 50 13.75 -12.32 -0.59
N TYR A 51 13.24 -11.35 -1.35
CA TYR A 51 13.10 -9.97 -0.88
C TYR A 51 12.18 -9.14 -1.77
N SER A 52 11.62 -8.09 -1.19
CA SER A 52 10.90 -7.06 -1.95
C SER A 52 11.69 -5.76 -1.93
N LYS A 53 11.69 -5.08 -3.07
CA LYS A 53 12.35 -3.80 -3.17
C LYS A 53 11.40 -2.88 -3.89
N ILE A 54 11.25 -1.69 -3.33
CA ILE A 54 10.40 -0.67 -3.91
C ILE A 54 11.23 0.60 -3.90
N LYS A 55 11.23 1.31 -5.02
CA LYS A 55 11.90 2.60 -5.05
C LYS A 55 10.91 3.72 -5.43
N VAL A 56 10.78 4.73 -4.59
CA VAL A 56 9.81 5.78 -4.89
C VAL A 56 10.49 7.07 -5.32
N ASP A 57 10.02 7.64 -6.44
CA ASP A 57 10.33 9.04 -6.81
C ASP A 57 9.04 9.84 -7.00
N ASN A 58 8.72 10.70 -6.03
CA ASN A 58 7.52 11.53 -6.10
C ASN A 58 7.75 13.02 -6.33
N HIS A 59 7.76 13.43 -7.59
CA HIS A 59 8.03 14.82 -7.98
C HIS A 59 6.86 15.82 -7.73
N LEU A 60 7.06 16.81 -6.88
CA LEU A 60 6.03 17.84 -6.66
C LEU A 60 4.71 17.18 -6.23
N PHE A 61 4.83 16.11 -5.48
CA PHE A 61 3.64 15.35 -5.11
C PHE A 61 3.82 14.64 -3.79
N ASN A 62 2.76 14.63 -2.99
CA ASN A 62 2.73 13.80 -1.79
C ASN A 62 4.02 13.92 -1.00
N LYS A 63 4.44 15.15 -0.71
CA LYS A 63 5.65 15.39 0.08
C LYS A 63 5.45 16.11 1.41
N GLU A 64 4.22 16.17 1.90
CA GLU A 64 3.98 16.75 3.23
C GLU A 64 4.85 16.03 4.26
N ASN A 65 4.77 14.70 4.32
CA ASN A 65 5.54 13.93 5.30
C ASN A 65 6.64 13.02 4.76
N LEU A 66 6.36 12.32 3.68
CA LEU A 66 7.37 11.48 3.03
C LEU A 66 8.33 12.35 2.23
N PRO A 67 9.61 11.97 2.21
CA PRO A 67 10.53 12.50 1.19
C PRO A 67 9.98 12.21 -0.19
N SER A 68 10.46 12.91 -1.20
CA SER A 68 10.08 12.61 -2.58
C SER A 68 10.69 11.28 -3.01
N ARG A 69 11.81 10.94 -2.39
CA ARG A 69 12.67 9.84 -2.82
C ARG A 69 13.15 9.00 -1.66
N PHE A 70 12.93 7.70 -1.77
CA PHE A 70 13.35 6.73 -0.76
C PHE A 70 13.26 5.33 -1.34
N LYS A 71 13.90 4.39 -0.67
CA LYS A 71 13.82 3.01 -1.05
C LYS A 71 13.39 2.17 0.15
N PHE A 72 12.69 1.07 -0.11
CA PHE A 72 12.27 0.21 0.99
C PHE A 72 12.45 -1.24 0.58
N LYS A 73 13.25 -1.97 1.35
CA LYS A 73 13.51 -3.36 1.09
C LYS A 73 13.01 -4.20 2.25
N GLU A 74 12.18 -5.20 1.96
CA GLU A 74 11.81 -6.18 2.97
C GLU A 74 12.42 -7.56 2.69
N TYR A 75 13.20 -8.04 3.66
CA TYR A 75 13.81 -9.36 3.60
C TYR A 75 12.81 -10.49 3.82
N CYS A 76 12.86 -11.47 2.92
CA CYS A 76 12.20 -12.76 3.12
C CYS A 76 10.76 -12.63 3.59
N PRO A 77 9.96 -11.81 2.88
CA PRO A 77 8.67 -11.42 3.49
C PRO A 77 7.70 -12.59 3.74
N MET A 78 7.77 -13.64 2.96
CA MET A 78 6.92 -14.81 3.19
C MET A 78 7.26 -15.46 4.52
N VAL A 79 8.55 -15.48 4.85
CA VAL A 79 8.98 -16.11 6.10
C VAL A 79 8.47 -15.33 7.31
N PHE A 80 8.71 -14.02 7.34
CA PHE A 80 8.25 -13.22 8.45
C PHE A 80 6.70 -13.11 8.58
N ARG A 81 5.95 -13.26 7.48
CA ARG A 81 4.49 -13.35 7.59
C ARG A 81 4.11 -14.58 8.42
N ASN A 82 4.75 -15.69 8.09
CA ASN A 82 4.50 -16.93 8.74
C ASN A 82 5.00 -16.89 10.16
N LEU A 83 6.08 -16.16 10.38
CA LEU A 83 6.60 -16.03 11.73
C LEU A 83 5.58 -15.27 12.58
N ARG A 84 4.98 -14.25 11.96
CA ARG A 84 3.97 -13.46 12.64
C ARG A 84 2.80 -14.38 13.02
N GLU A 85 2.41 -15.25 12.11
CA GLU A 85 1.26 -16.11 12.35
C GLU A 85 1.60 -17.02 13.52
N ARG A 86 2.78 -17.63 13.45
CA ARG A 86 3.19 -18.51 14.53
C ARG A 86 3.19 -17.85 15.89
N PHE A 87 3.56 -16.59 15.95
CA PHE A 87 3.56 -15.86 17.21
C PHE A 87 2.19 -15.24 17.51
N GLY A 88 1.19 -15.58 16.70
CA GLY A 88 -0.16 -15.10 16.91
C GLY A 88 -0.28 -13.59 16.82
N ILE A 89 0.36 -13.02 15.82
CA ILE A 89 0.22 -11.60 15.56
C ILE A 89 -0.48 -11.41 14.21
N ASP A 90 -1.62 -10.73 14.23
CA ASP A 90 -2.38 -10.53 13.01
C ASP A 90 -1.69 -9.42 12.21
N ASP A 91 -1.53 -9.66 10.91
CA ASP A 91 -0.82 -8.70 10.08
C ASP A 91 -1.38 -7.28 10.22
N GLN A 92 -2.71 -7.16 10.16
CA GLN A 92 -3.40 -5.88 10.33
C GLN A 92 -3.09 -5.21 11.67
N ASP A 93 -3.00 -5.99 12.74
CA ASP A 93 -2.64 -5.36 14.01
C ASP A 93 -1.24 -4.77 13.97
N TYR A 94 -0.30 -5.59 13.52
CA TYR A 94 1.07 -5.19 13.24
C TYR A 94 1.12 -3.94 12.37
N GLN A 95 0.45 -4.00 11.24
CA GLN A 95 0.42 -2.87 10.33
C GLN A 95 -0.03 -1.65 11.11
N ASN A 96 -1.13 -1.79 11.86
CA ASN A 96 -1.67 -0.64 12.61
C ASN A 96 -0.72 -0.08 13.67
N SER A 97 -0.04 -0.96 14.41
CA SER A 97 0.84 -0.49 15.48
C SER A 97 1.95 0.39 14.95
N VAL A 98 2.39 0.09 13.73
CA VAL A 98 3.49 0.82 13.12
C VAL A 98 2.97 2.10 12.46
N THR A 99 1.76 2.06 11.89
CA THR A 99 1.32 3.15 11.02
C THR A 99 0.34 4.16 11.63
N ARG A 100 -0.47 3.75 12.61
CA ARG A 100 -1.45 4.66 13.21
C ARG A 100 -0.82 5.93 13.78
N SER A 101 0.41 5.82 14.27
CA SER A 101 1.15 6.95 14.79
C SER A 101 2.63 6.59 14.88
N ALA A 102 3.50 7.55 14.61
CA ALA A 102 4.94 7.32 14.63
C ALA A 102 5.43 6.48 15.82
N PRO A 103 6.32 5.53 15.54
CA PRO A 103 7.06 4.84 16.60
C PRO A 103 7.75 5.88 17.47
N ILE A 104 8.08 5.50 18.70
CA ILE A 104 8.68 6.39 19.71
C ILE A 104 10.13 6.08 20.05
N ASN A 105 10.97 7.10 20.03
CA ASN A 105 12.42 7.04 20.36
C ASN A 105 13.35 7.46 19.22
N PHE A 116 16.91 2.24 18.34
CA PHE A 116 15.93 1.65 19.27
C PHE A 116 14.58 2.39 19.46
N LEU A 117 13.56 1.90 18.76
CA LEU A 117 12.23 2.47 18.77
C LEU A 117 11.18 1.54 19.37
N THR A 118 10.02 2.09 19.67
CA THR A 118 8.86 1.29 20.05
C THR A 118 7.71 1.80 19.24
N THR A 119 6.77 0.93 18.91
CA THR A 119 5.55 1.41 18.28
C THR A 119 4.82 2.27 19.30
N TYR A 120 3.91 3.12 18.81
CA TYR A 120 3.31 4.14 19.67
C TYR A 120 2.53 3.47 20.78
N ASP A 121 2.13 2.23 20.54
CA ASP A 121 1.30 1.48 21.46
C ASP A 121 2.16 0.48 22.27
N ARG A 122 3.48 0.58 22.14
CA ARG A 122 4.38 -0.21 22.99
C ARG A 122 4.35 -1.75 22.81
N ARG A 123 3.72 -2.24 21.75
CA ARG A 123 3.67 -3.67 21.46
C ARG A 123 4.91 -4.23 20.76
N PHE A 124 5.55 -3.40 19.93
CA PHE A 124 6.63 -3.88 19.07
C PHE A 124 7.87 -3.05 19.23
N VAL A 125 9.01 -3.73 19.31
CA VAL A 125 10.30 -3.04 19.30
C VAL A 125 10.90 -3.03 17.91
N ILE A 126 11.57 -1.94 17.58
CA ILE A 126 12.14 -1.75 16.28
C ILE A 126 13.57 -1.29 16.48
N LYS A 127 14.52 -2.20 16.28
CA LYS A 127 15.91 -1.83 16.49
C LYS A 127 16.63 -1.66 15.16
N THR A 128 17.47 -0.65 15.12
CA THR A 128 18.35 -0.45 14.00
C THR A 128 19.50 -1.43 14.20
N VAL A 129 19.92 -2.08 13.12
CA VAL A 129 20.98 -3.10 13.22
C VAL A 129 22.02 -3.05 12.10
N SER A 130 23.08 -3.82 12.27
CA SER A 130 24.20 -3.85 11.33
C SER A 130 23.90 -4.64 10.07
N SER A 131 24.70 -4.41 9.05
CA SER A 131 24.66 -5.25 7.87
C SER A 131 25.04 -6.67 8.28
N GLU A 132 25.93 -6.79 9.25
CA GLU A 132 26.36 -8.12 9.63
C GLU A 132 25.21 -8.79 10.38
N ASP A 133 24.43 -7.99 11.11
CA ASP A 133 23.29 -8.55 11.84
C ASP A 133 22.28 -9.15 10.87
N VAL A 134 22.08 -8.43 9.75
CA VAL A 134 21.12 -8.81 8.73
C VAL A 134 21.64 -10.06 8.08
N ALA A 135 22.96 -10.14 8.04
CA ALA A 135 23.65 -11.26 7.44
C ALA A 135 23.44 -12.47 8.33
N GLU A 136 23.68 -12.26 9.62
CA GLU A 136 23.51 -13.31 10.62
C GLU A 136 22.07 -13.81 10.68
N MET A 137 21.09 -12.91 10.47
CA MET A 137 19.67 -13.31 10.45
C MET A 137 19.42 -14.31 9.34
N HIS A 138 20.00 -14.04 8.17
CA HIS A 138 19.88 -14.96 7.04
C HIS A 138 20.49 -16.32 7.35
N ASN A 139 21.65 -16.34 7.99
CA ASN A 139 22.30 -17.63 8.21
C ASN A 139 21.43 -18.48 9.12
N ILE A 140 20.92 -17.87 10.19
CA ILE A 140 20.19 -18.61 11.20
C ILE A 140 18.70 -18.76 10.90
N LEU A 141 18.23 -18.08 9.86
CA LEU A 141 16.79 -18.01 9.56
C LEU A 141 16.08 -19.34 9.26
N LYS A 142 16.71 -20.26 8.53
CA LYS A 142 16.02 -21.52 8.26
C LYS A 142 15.87 -22.27 9.58
N LYS A 143 16.97 -22.32 10.34
CA LYS A 143 16.99 -23.06 11.59
C LYS A 143 16.10 -22.41 12.64
N TYR A 144 16.09 -21.08 12.65
CA TYR A 144 15.28 -20.34 13.60
C TYR A 144 13.78 -20.59 13.33
N HIS A 145 13.39 -20.51 12.06
CA HIS A 145 11.99 -20.78 11.71
C HIS A 145 11.57 -22.18 12.20
N GLN A 146 12.39 -23.18 11.87
CA GLN A 146 12.07 -24.54 12.23
C GLN A 146 11.99 -24.71 13.74
N PHE A 147 12.88 -24.03 14.45
CA PHE A 147 12.92 -24.08 15.90
C PHE A 147 11.69 -23.44 16.53
N ILE A 148 11.11 -22.44 15.85
CA ILE A 148 9.86 -21.80 16.30
C ILE A 148 8.64 -22.71 16.07
N VAL A 149 8.77 -23.61 15.10
CA VAL A 149 7.66 -24.49 14.77
C VAL A 149 7.57 -25.63 15.77
N GLU A 150 8.72 -26.23 16.07
CA GLU A 150 8.72 -27.40 16.95
C GLU A 150 8.63 -27.02 18.43
N CYS A 151 8.54 -25.73 18.71
CA CYS A 151 8.24 -25.30 20.07
C CYS A 151 6.94 -24.48 20.06
N HIS A 152 6.26 -24.47 18.91
CA HIS A 152 4.96 -23.82 18.78
C HIS A 152 4.96 -22.34 19.17
N GLY A 153 6.13 -21.72 19.18
CA GLY A 153 6.21 -20.30 19.45
C GLY A 153 6.38 -20.00 20.94
N ASN A 154 6.55 -21.07 21.71
CA ASN A 154 6.88 -20.98 23.11
C ASN A 154 8.38 -20.85 23.34
N THR A 155 8.86 -19.62 23.48
CA THR A 155 10.30 -19.41 23.56
C THR A 155 10.62 -18.09 24.23
N LEU A 156 11.70 -18.08 25.00
CA LEU A 156 12.22 -16.87 25.62
C LEU A 156 13.00 -16.01 24.63
N LEU A 157 13.33 -16.58 23.47
CA LEU A 157 14.06 -15.87 22.42
C LEU A 157 13.26 -14.72 21.82
N PRO A 158 13.97 -13.81 21.16
CA PRO A 158 13.32 -12.75 20.38
C PRO A 158 12.40 -13.36 19.35
N GLN A 159 11.19 -12.84 19.22
CA GLN A 159 10.30 -13.28 18.16
C GLN A 159 10.39 -12.25 17.05
N PHE A 160 11.02 -12.64 15.94
CA PHE A 160 11.30 -11.72 14.82
C PHE A 160 10.09 -11.61 13.91
N LEU A 161 9.67 -10.38 13.64
CA LEU A 161 8.42 -10.12 12.89
C LEU A 161 8.66 -9.49 11.51
N GLY A 162 9.81 -8.87 11.34
CA GLY A 162 10.15 -8.26 10.07
C GLY A 162 11.57 -7.77 10.08
N MET A 163 12.17 -7.79 8.90
CA MET A 163 13.49 -7.23 8.68
C MET A 163 13.44 -6.30 7.45
N TYR A 164 14.03 -5.11 7.59
CA TYR A 164 13.86 -4.07 6.58
C TYR A 164 15.13 -3.30 6.36
N ARG A 165 15.29 -2.82 5.12
CA ARG A 165 16.33 -1.84 4.80
C ARG A 165 15.68 -0.60 4.22
N LEU A 166 15.86 0.52 4.90
CA LEU A 166 15.34 1.80 4.41
C LEU A 166 16.47 2.58 3.77
N THR A 167 16.16 3.35 2.72
CA THR A 167 17.13 4.29 2.15
C THR A 167 16.53 5.68 2.08
N VAL A 168 17.14 6.61 2.81
CA VAL A 168 16.80 8.04 2.73
C VAL A 168 18.08 8.84 2.60
N ASP A 169 18.08 9.82 1.69
CA ASP A 169 19.26 10.63 1.40
C ASP A 169 20.44 9.72 1.13
N GLY A 170 20.23 8.72 0.29
CA GLY A 170 21.29 7.80 -0.10
C GLY A 170 21.96 7.04 1.02
N VAL A 171 21.39 7.13 2.23
CA VAL A 171 21.92 6.40 3.36
C VAL A 171 21.03 5.20 3.66
N GLU A 172 21.65 4.04 3.84
CA GLU A 172 20.92 2.80 4.14
C GLU A 172 20.83 2.51 5.64
N THR A 173 19.61 2.27 6.12
CA THR A 173 19.36 1.83 7.49
C THR A 173 18.66 0.46 7.57
N TYR A 174 19.27 -0.48 8.28
CA TYR A 174 18.67 -1.79 8.50
C TYR A 174 17.89 -1.82 9.81
N MET A 175 16.72 -2.45 9.79
CA MET A 175 15.91 -2.55 11.00
C MET A 175 15.28 -3.92 11.16
N VAL A 176 15.25 -4.39 12.41
CA VAL A 176 14.59 -5.64 12.74
C VAL A 176 13.45 -5.38 13.73
N VAL A 177 12.25 -5.87 13.42
CA VAL A 177 11.12 -5.71 14.35
C VAL A 177 10.87 -6.93 15.23
N THR A 178 10.82 -6.71 16.54
CA THR A 178 10.46 -7.78 17.46
C THR A 178 9.25 -7.48 18.33
N ARG A 179 8.73 -8.53 18.94
CA ARG A 179 7.74 -8.34 19.96
C ARG A 179 8.44 -7.73 21.16
N ALA A 180 7.72 -6.90 21.90
CA ALA A 180 8.31 -6.21 23.06
C ALA A 180 8.43 -7.20 24.20
N VAL A 181 9.43 -7.01 25.05
CA VAL A 181 9.63 -7.96 26.14
C VAL A 181 8.77 -7.48 27.28
N PHE A 182 8.85 -6.19 27.52
CA PHE A 182 8.07 -5.56 28.56
C PHE A 182 6.59 -5.52 28.20
N SER A 183 5.75 -5.41 29.22
CA SER A 183 4.32 -5.29 29.01
C SER A 183 3.99 -3.96 28.34
N HIS A 184 3.06 -4.01 27.39
CA HIS A 184 2.57 -2.82 26.71
C HIS A 184 1.69 -1.91 27.57
N ARG A 185 1.33 -2.38 28.77
CA ARG A 185 0.55 -1.57 29.71
C ARG A 185 1.24 -1.34 31.06
N LEU A 186 1.66 -2.43 31.69
CA LEU A 186 2.32 -2.39 32.99
C LEU A 186 3.71 -1.71 32.95
N THR A 187 4.02 -0.96 34.01
CA THR A 187 5.24 -0.15 34.07
C THR A 187 6.40 -0.90 34.66
N VAL A 188 7.56 -0.85 34.00
CA VAL A 188 8.78 -1.44 34.57
C VAL A 188 9.45 -0.48 35.56
N HIS A 189 9.68 -0.94 36.79
CA HIS A 189 10.31 -0.09 37.81
C HIS A 189 11.78 -0.45 38.03
N ARG A 190 12.20 -1.59 37.50
CA ARG A 190 13.59 -2.01 37.66
C ARG A 190 13.97 -3.01 36.59
N LYS A 191 15.07 -2.75 35.88
CA LYS A 191 15.52 -3.73 34.89
C LYS A 191 16.99 -4.19 35.03
N TYR A 192 17.22 -5.46 34.70
CA TYR A 192 18.58 -5.97 34.61
C TYR A 192 18.83 -6.49 33.23
N ASP A 193 20.10 -6.57 32.89
CA ASP A 193 20.60 -7.30 31.73
C ASP A 193 21.58 -8.33 32.28
N LEU A 194 21.30 -9.60 32.08
CA LEU A 194 22.10 -10.65 32.70
C LEU A 194 22.84 -11.53 31.68
N LYS A 195 24.11 -11.82 31.94
CA LYS A 195 24.86 -12.80 31.16
C LYS A 195 25.31 -13.99 32.02
N GLY A 196 25.95 -13.71 33.16
CA GLY A 196 26.57 -14.75 33.97
C GLY A 196 28.08 -14.73 33.76
N SER A 197 28.75 -13.78 34.42
CA SER A 197 30.16 -13.52 34.21
C SER A 197 30.42 -12.98 32.80
N VAL A 199 33.17 -13.24 34.14
CA VAL A 199 33.81 -11.94 33.97
C VAL A 199 33.56 -11.04 35.17
N ALA A 200 33.02 -9.86 34.90
CA ALA A 200 32.73 -8.88 35.94
C ALA A 200 31.82 -7.80 35.37
N ARG A 201 30.54 -7.83 35.75
CA ARG A 201 29.57 -6.92 35.16
C ARG A 201 28.77 -6.14 36.18
N GLU A 202 28.64 -4.84 35.95
CA GLU A 202 27.86 -3.96 36.80
C GLU A 202 27.37 -2.74 36.04
N ALA A 203 26.59 -1.91 36.71
CA ALA A 203 26.15 -0.65 36.12
C ALA A 203 27.15 0.44 36.48
N SER A 204 27.55 1.22 35.47
CA SER A 204 28.46 2.33 35.67
C SER A 204 27.75 3.44 36.44
N ASP A 205 28.47 4.10 37.34
CA ASP A 205 27.91 5.24 38.08
C ASP A 205 27.16 6.17 37.13
N LYS A 206 27.56 6.14 35.86
CA LYS A 206 26.83 6.87 34.83
C LYS A 206 25.43 6.29 34.72
N GLU A 207 25.34 5.01 34.38
CA GLU A 207 24.05 4.33 34.27
C GLU A 207 23.25 4.46 35.56
N LYS A 208 23.84 4.06 36.68
CA LYS A 208 23.15 4.05 37.97
C LYS A 208 22.42 5.37 38.23
N ALA A 209 22.86 6.42 37.56
CA ALA A 209 22.30 7.75 37.76
C ALA A 209 21.35 8.17 36.65
N LYS A 210 20.99 7.22 35.79
CA LYS A 210 19.93 7.43 34.82
C LYS A 210 18.60 7.14 35.50
N ASP A 211 17.50 7.45 34.83
CA ASP A 211 16.18 7.27 35.41
C ASP A 211 15.86 5.79 35.65
N LEU A 212 15.90 5.01 34.56
CA LEU A 212 15.74 3.57 34.64
C LEU A 212 17.03 2.86 34.23
N PRO A 213 18.00 2.78 35.15
CA PRO A 213 19.29 2.14 34.91
C PRO A 213 19.13 0.70 34.46
N THR A 214 19.89 0.31 33.45
CA THR A 214 20.08 -1.09 33.11
C THR A 214 21.15 -1.68 34.04
N PHE A 215 20.71 -2.41 35.06
CA PHE A 215 21.62 -3.04 36.00
C PHE A 215 22.17 -4.32 35.41
N LYS A 216 23.27 -4.81 35.98
CA LYS A 216 23.88 -6.04 35.51
C LYS A 216 23.91 -7.08 36.63
N ASP A 217 24.55 -8.21 36.35
CA ASP A 217 24.52 -9.37 37.24
C ASP A 217 25.02 -9.04 38.63
N ASN A 218 26.24 -8.51 38.70
CA ASN A 218 26.85 -8.23 39.99
C ASN A 218 25.98 -7.27 40.80
N ASP A 219 25.38 -6.29 40.12
CA ASP A 219 24.35 -5.46 40.71
C ASP A 219 23.22 -6.33 41.22
N PHE A 220 22.78 -7.27 40.38
CA PHE A 220 21.66 -8.15 40.72
C PHE A 220 21.98 -9.07 41.88
N LEU A 221 23.12 -9.77 41.80
CA LEU A 221 23.59 -10.63 42.89
C LEU A 221 23.91 -9.80 44.13
N ASN A 222 24.51 -8.64 43.90
CA ASN A 222 24.97 -7.77 44.99
C ASN A 222 23.83 -7.24 45.86
N GLU A 223 22.62 -7.23 45.30
CA GLU A 223 21.46 -6.71 46.01
C GLU A 223 20.54 -7.82 46.51
N GLY A 224 21.06 -9.05 46.55
CA GLY A 224 20.27 -10.20 46.95
C GLY A 224 18.96 -10.37 46.19
N GLN A 225 18.87 -9.74 45.02
CA GLN A 225 17.62 -9.77 44.25
C GLN A 225 17.20 -11.20 43.92
N LYS A 226 15.94 -11.51 44.22
CA LYS A 226 15.34 -12.78 43.82
C LYS A 226 13.94 -12.55 43.26
N LEU A 227 13.54 -13.40 42.30
CA LEU A 227 12.18 -13.34 41.77
C LEU A 227 11.37 -14.54 42.28
N HIS A 228 10.17 -14.26 42.79
CA HIS A 228 9.30 -15.25 43.38
C HIS A 228 8.17 -15.61 42.42
N VAL A 229 8.31 -16.72 41.71
CA VAL A 229 7.33 -17.07 40.69
C VAL A 229 6.50 -18.33 40.99
N GLY A 230 7.02 -19.21 41.83
CA GLY A 230 6.29 -20.41 42.11
C GLY A 230 6.62 -21.54 41.15
N GLU A 231 6.51 -22.75 41.68
CA GLU A 231 7.03 -23.95 41.03
C GLU A 231 6.51 -24.24 39.62
N GLU A 232 5.20 -24.14 39.41
CA GLU A 232 4.65 -24.44 38.09
C GLU A 232 5.30 -23.53 37.07
N SER A 233 5.39 -22.24 37.38
CA SER A 233 5.93 -21.26 36.46
C SER A 233 7.43 -21.42 36.31
N LYS A 234 8.10 -21.70 37.43
CA LYS A 234 9.54 -21.79 37.41
C LYS A 234 9.95 -22.91 36.49
N LYS A 235 9.21 -24.00 36.53
CA LYS A 235 9.54 -25.18 35.73
C LYS A 235 9.34 -24.92 34.25
N ASN A 236 8.22 -24.30 33.88
CA ASN A 236 8.01 -24.02 32.46
C ASN A 236 8.97 -22.98 31.91
N PHE A 237 9.40 -22.04 32.75
CA PHE A 237 10.39 -21.06 32.36
C PHE A 237 11.75 -21.71 32.11
N LEU A 238 12.23 -22.48 33.09
CA LEU A 238 13.51 -23.19 32.99
C LEU A 238 13.55 -24.21 31.83
N GLU A 239 12.39 -24.75 31.47
CA GLU A 239 12.32 -25.67 30.35
C GLU A 239 12.47 -24.94 29.02
N LYS A 240 11.93 -23.73 28.93
CA LYS A 240 12.21 -22.83 27.78
C LYS A 240 13.67 -22.42 27.73
N LEU A 241 14.16 -21.85 28.83
CA LEU A 241 15.55 -21.40 28.91
C LEU A 241 16.52 -22.51 28.45
N LYS A 242 16.28 -23.74 28.89
CA LYS A 242 17.12 -24.87 28.50
C LYS A 242 17.12 -25.12 26.99
N ARG A 243 15.93 -25.24 26.41
CA ARG A 243 15.81 -25.50 25.00
C ARG A 243 16.40 -24.34 24.18
N ASP A 244 16.01 -23.11 24.51
CA ASP A 244 16.46 -21.91 23.80
C ASP A 244 17.99 -21.79 23.79
N VAL A 245 18.61 -21.94 24.95
CA VAL A 245 20.04 -21.70 25.06
C VAL A 245 20.86 -22.83 24.43
N GLU A 246 20.25 -24.00 24.30
CA GLU A 246 20.90 -25.09 23.60
C GLU A 246 20.88 -24.78 22.12
N PHE A 247 19.77 -24.19 21.69
CA PHE A 247 19.62 -23.77 20.31
C PHE A 247 20.70 -22.73 19.97
N LEU A 248 20.85 -21.74 20.86
CA LEU A 248 21.88 -20.71 20.68
C LEU A 248 23.30 -21.30 20.66
N ALA A 249 23.50 -22.36 21.43
CA ALA A 249 24.77 -23.10 21.43
C ALA A 249 24.98 -23.82 20.10
N GLN A 250 23.98 -24.60 19.67
CA GLN A 250 24.02 -25.25 18.36
C GLN A 250 24.38 -24.26 17.24
N LEU A 251 23.63 -23.16 17.15
CA LEU A 251 23.89 -22.15 16.15
C LEU A 251 25.20 -21.41 16.40
N LYS A 252 25.91 -21.80 17.46
CA LYS A 252 27.21 -21.21 17.75
C LYS A 252 27.10 -19.71 18.03
N ILE A 253 25.97 -19.31 18.62
CA ILE A 253 25.72 -17.90 18.94
C ILE A 253 26.14 -17.54 20.36
N MET A 254 26.68 -16.34 20.52
CA MET A 254 27.29 -15.96 21.80
C MET A 254 26.94 -14.54 22.26
N ASP A 255 27.04 -14.34 23.58
CA ASP A 255 27.07 -13.00 24.18
C ASP A 255 25.70 -12.33 24.42
N TYR A 256 24.62 -13.04 24.10
CA TYR A 256 23.25 -12.60 24.37
C TYR A 256 22.98 -12.43 25.88
N SER A 257 21.81 -11.87 26.20
CA SER A 257 21.45 -11.62 27.60
C SER A 257 20.01 -11.98 27.94
N LEU A 258 19.73 -12.03 29.24
CA LEU A 258 18.37 -12.23 29.71
C LEU A 258 17.86 -10.89 30.21
N LEU A 259 16.94 -10.27 29.46
CA LEU A 259 16.38 -9.00 29.90
C LEU A 259 15.42 -9.30 31.04
N VAL A 260 15.62 -8.63 32.17
CA VAL A 260 14.74 -8.83 33.31
C VAL A 260 14.06 -7.53 33.74
N GLY A 261 12.74 -7.46 33.54
CA GLY A 261 11.96 -6.31 33.95
C GLY A 261 11.08 -6.63 35.14
N ILE A 262 11.05 -5.74 36.12
CA ILE A 262 10.25 -5.91 37.33
C ILE A 262 9.21 -4.79 37.52
N HIS A 263 7.96 -5.20 37.63
CA HIS A 263 6.84 -4.31 37.86
C HIS A 263 6.36 -4.45 39.30
N ASP A 264 6.30 -3.33 40.02
CA ASP A 264 5.83 -3.30 41.40
C ASP A 264 4.38 -2.85 41.41
N VAL A 265 3.47 -3.81 41.62
CA VAL A 265 2.03 -3.55 41.51
C VAL A 265 1.52 -2.39 42.37
N ASP A 266 1.78 -2.42 43.67
CA ASP A 266 1.25 -1.38 44.55
C ASP A 266 1.83 -0.04 44.16
N ARG A 267 3.12 -0.03 43.85
CA ARG A 267 3.78 1.20 43.45
C ARG A 267 3.08 1.85 42.26
N ALA A 268 2.70 1.06 41.26
CA ALA A 268 2.00 1.59 40.08
C ALA A 268 0.61 2.17 40.40
N GLU A 269 -0.15 1.47 41.25
CA GLU A 269 -1.47 1.91 41.64
C GLU A 269 -1.41 3.27 42.32
N GLN A 270 -0.39 3.45 43.16
CA GLN A 270 -0.17 4.74 43.79
C GLN A 270 0.23 5.76 42.72
N GLU A 271 1.09 5.35 41.80
CA GLU A 271 1.50 6.22 40.71
C GLU A 271 0.31 6.59 39.85
N GLU A 272 -0.59 5.64 39.66
CA GLU A 272 -1.84 5.90 38.94
C GLU A 272 -2.66 6.95 39.69
N MET A 273 -2.82 6.75 41.00
CA MET A 273 -3.63 7.64 41.80
C MET A 273 -3.09 9.06 41.74
N GLU A 274 -1.77 9.18 41.80
CA GLU A 274 -1.12 10.48 41.73
C GLU A 274 -1.30 11.08 40.34
N VAL A 275 -1.57 10.21 39.39
CA VAL A 275 -1.68 10.61 38.00
C VAL A 275 -3.06 11.19 37.71
N GLU A 276 -4.07 10.70 38.43
CA GLU A 276 -5.43 11.17 38.24
C GLU A 276 -5.70 12.48 38.99
N GLU A 277 -5.08 12.60 40.16
CA GLU A 277 -5.21 13.79 40.97
C GLU A 277 -4.63 14.98 40.20
N ARG A 278 -3.44 14.81 39.64
CA ARG A 278 -2.80 15.87 38.88
C ARG A 278 -3.69 16.28 37.72
N ALA A 279 -4.22 15.29 37.00
CA ALA A 279 -5.11 15.56 35.87
C ALA A 279 -6.28 16.45 36.27
N GLU A 280 -7.09 15.99 37.21
CA GLU A 280 -8.23 16.76 37.67
C GLU A 280 -7.96 18.26 37.73
N ASP A 281 -6.74 18.64 38.12
CA ASP A 281 -6.34 20.04 38.17
C ASP A 281 -5.68 20.49 36.86
N GLY A 315 -7.22 -3.97 36.01
CA GLY A 315 -6.85 -3.70 37.39
C GLY A 315 -5.42 -4.09 37.72
N PRO A 316 -4.94 -3.69 38.91
CA PRO A 316 -3.55 -3.89 39.33
C PRO A 316 -3.02 -5.31 39.07
N GLY A 317 -1.75 -5.39 38.70
CA GLY A 317 -1.05 -6.66 38.53
C GLY A 317 -1.63 -7.60 37.51
N GLU A 318 -2.50 -7.10 36.64
CA GLU A 318 -3.15 -7.93 35.65
C GLU A 318 -2.63 -7.72 34.24
N PHE A 319 -2.43 -8.82 33.51
CA PHE A 319 -1.93 -8.77 32.15
C PHE A 319 -2.46 -9.95 31.34
N ASP A 320 -2.74 -9.69 30.08
CA ASP A 320 -3.18 -10.73 29.15
C ASP A 320 -1.99 -11.56 28.69
N PRO A 321 -1.92 -12.83 29.08
CA PRO A 321 -0.72 -13.59 28.67
C PRO A 321 -0.63 -13.83 27.15
N SER A 322 -1.68 -13.50 26.40
CA SER A 322 -1.62 -13.69 24.95
C SER A 322 -0.90 -12.51 24.32
N VAL A 323 -0.95 -11.37 25.01
CA VAL A 323 -0.27 -10.16 24.57
C VAL A 323 1.09 -10.00 25.28
N ASP A 324 1.06 -9.90 26.60
CA ASP A 324 2.29 -9.81 27.41
C ASP A 324 2.87 -11.18 27.67
N VAL A 325 3.43 -11.71 26.59
CA VAL A 325 3.92 -13.06 26.46
C VAL A 325 5.08 -13.46 27.39
N TYR A 326 5.86 -12.49 27.89
CA TYR A 326 7.02 -12.81 28.75
C TYR A 326 6.74 -12.55 30.23
N ALA A 327 5.49 -12.29 30.58
CA ALA A 327 5.18 -11.80 31.92
C ALA A 327 4.72 -12.90 32.84
N MET A 328 5.28 -12.94 34.06
CA MET A 328 4.83 -13.88 35.11
C MET A 328 4.47 -13.13 36.40
N LYS A 329 3.32 -13.49 36.98
CA LYS A 329 2.91 -12.94 38.28
C LYS A 329 3.81 -13.46 39.37
N SER A 330 3.93 -12.72 40.47
CA SER A 330 4.70 -13.22 41.60
C SER A 330 3.90 -14.28 42.37
N HIS A 331 4.59 -15.23 42.98
CA HIS A 331 3.93 -16.19 43.86
C HIS A 331 3.17 -15.51 45.03
N GLU A 332 1.99 -16.02 45.34
CA GLU A 332 1.16 -15.42 46.41
C GLU A 332 1.94 -15.24 47.72
N SER A 333 3.11 -15.86 47.80
CA SER A 333 3.94 -15.86 49.00
C SER A 333 5.10 -14.87 48.91
N SER A 334 5.00 -13.96 47.95
CA SER A 334 6.11 -13.04 47.67
C SER A 334 6.12 -11.86 48.65
N PRO A 335 7.31 -11.34 48.96
CA PRO A 335 7.40 -10.12 49.77
C PRO A 335 6.46 -9.06 49.19
N LYS A 336 6.85 -8.49 48.06
CA LYS A 336 6.00 -7.54 47.35
C LYS A 336 5.14 -8.28 46.32
N LYS A 337 4.01 -7.68 45.97
CA LYS A 337 3.22 -8.15 44.83
C LYS A 337 3.83 -7.59 43.54
N GLU A 338 4.43 -8.45 42.74
CA GLU A 338 5.20 -8.01 41.59
C GLU A 338 4.76 -8.65 40.29
N VAL A 339 5.22 -8.10 39.18
CA VAL A 339 5.13 -8.77 37.90
C VAL A 339 6.48 -8.75 37.21
N TYR A 340 6.87 -9.89 36.66
CA TYR A 340 8.18 -10.02 36.01
C TYR A 340 8.03 -10.18 34.52
N PHE A 341 8.97 -9.60 33.78
CA PHE A 341 9.12 -9.84 32.35
C PHE A 341 10.54 -10.34 32.08
N MET A 342 10.64 -11.53 31.51
CA MET A 342 11.94 -12.12 31.27
C MET A 342 12.01 -12.72 29.89
N ALA A 343 13.08 -12.42 29.18
CA ALA A 343 13.28 -12.98 27.84
C ALA A 343 14.74 -12.88 27.48
N ILE A 344 15.12 -13.61 26.44
CA ILE A 344 16.48 -13.51 25.93
C ILE A 344 16.55 -12.43 24.84
N ILE A 345 17.57 -11.58 24.90
CA ILE A 345 17.76 -10.59 23.83
C ILE A 345 19.19 -10.64 23.30
N ASP A 346 19.41 -9.92 22.20
CA ASP A 346 20.74 -9.78 21.61
C ASP A 346 21.32 -11.11 21.12
N ILE A 347 20.65 -11.77 20.19
CA ILE A 347 21.19 -13.02 19.69
C ILE A 347 21.80 -12.83 18.30
N LEU A 348 21.92 -11.58 17.87
CA LEU A 348 22.36 -11.32 16.50
C LEU A 348 23.81 -10.85 16.44
N ASN A 376 33.72 -19.62 23.84
CA ASN A 376 32.83 -20.31 24.76
C ASN A 376 31.40 -20.37 24.25
N PRO A 377 31.18 -21.18 23.21
CA PRO A 377 29.87 -21.29 22.56
C PRO A 377 28.93 -22.20 23.34
N GLU A 378 29.35 -23.44 23.58
CA GLU A 378 28.53 -24.37 24.34
C GLU A 378 28.71 -24.12 25.83
N GLN A 379 29.79 -23.40 26.15
CA GLN A 379 30.09 -23.01 27.52
C GLN A 379 29.01 -22.06 28.04
N TYR A 380 28.89 -20.91 27.38
CA TYR A 380 27.86 -19.91 27.65
C TYR A 380 26.52 -20.56 27.99
N SER A 381 26.07 -21.43 27.08
CA SER A 381 24.88 -22.24 27.32
C SER A 381 24.78 -22.68 28.80
N LYS A 382 25.86 -23.27 29.30
CA LYS A 382 25.92 -23.67 30.71
C LYS A 382 26.11 -22.48 31.65
N ARG A 383 27.10 -21.63 31.37
CA ARG A 383 27.34 -20.45 32.18
C ARG A 383 26.05 -19.63 32.31
N PHE A 384 25.50 -19.25 31.16
CA PHE A 384 24.26 -18.50 31.10
C PHE A 384 23.12 -19.24 31.83
N ASN A 385 22.94 -20.53 31.51
CA ASN A 385 21.76 -21.24 31.99
C ASN A 385 21.71 -21.46 33.50
N GLU A 386 22.87 -21.68 34.12
CA GLU A 386 22.88 -21.99 35.53
C GLU A 386 22.50 -20.74 36.32
N PHE A 387 22.96 -19.59 35.83
CA PHE A 387 22.68 -18.31 36.46
C PHE A 387 21.18 -18.04 36.44
N MET A 388 20.62 -17.88 35.25
CA MET A 388 19.21 -17.55 35.11
C MET A 388 18.40 -18.47 36.00
N SER A 389 18.84 -19.72 36.11
CA SER A 389 18.11 -20.68 36.92
C SER A 389 18.08 -20.33 38.40
N ASN A 390 19.00 -19.48 38.84
CA ASN A 390 19.10 -19.14 40.27
C ASN A 390 18.42 -17.83 40.67
N ILE A 391 17.91 -17.12 39.68
CA ILE A 391 17.15 -15.91 39.88
C ILE A 391 15.77 -16.26 40.48
N LEU A 392 15.25 -17.42 40.10
CA LEU A 392 13.90 -17.81 40.47
C LEU A 392 13.81 -18.55 41.81
N THR A 393 12.58 -18.60 42.33
CA THR A 393 12.24 -19.40 43.50
C THR A 393 10.80 -19.92 43.36
N VAL B 10 -8.84 -10.48 -2.06
CA VAL B 10 -7.49 -10.71 -2.58
C VAL B 10 -7.39 -10.40 -4.06
N LYS B 11 -6.60 -9.38 -4.39
CA LYS B 11 -6.31 -9.06 -5.77
C LYS B 11 -5.04 -9.75 -6.24
N LEU B 12 -5.20 -10.81 -7.01
CA LEU B 12 -4.13 -11.24 -7.87
C LEU B 12 -4.25 -10.23 -8.98
N PHE B 13 -3.18 -9.95 -9.68
CA PHE B 13 -3.36 -9.06 -10.82
C PHE B 13 -3.15 -9.91 -12.05
N ARG B 14 -3.94 -10.99 -12.10
CA ARG B 14 -3.89 -11.99 -13.15
C ARG B 14 -4.45 -11.38 -14.44
N ALA B 15 -3.70 -11.54 -15.52
CA ALA B 15 -4.09 -10.99 -16.80
C ALA B 15 -3.31 -11.68 -17.91
N SER B 16 -3.81 -11.59 -19.15
CA SER B 16 -3.09 -12.17 -20.28
C SER B 16 -1.66 -11.62 -20.36
N GLU B 17 -1.53 -10.33 -20.65
CA GLU B 17 -0.21 -9.73 -20.74
C GLU B 17 0.25 -9.18 -19.40
N PRO B 18 1.53 -9.37 -19.08
CA PRO B 18 2.10 -8.76 -17.88
C PRO B 18 1.88 -7.23 -17.84
N ILE B 19 1.90 -6.57 -18.99
CA ILE B 19 1.60 -5.14 -19.02
C ILE B 19 0.19 -4.84 -18.46
N LEU B 20 -0.78 -5.70 -18.73
CA LEU B 20 -2.11 -5.53 -18.11
C LEU B 20 -2.05 -5.75 -16.61
N SER B 21 -1.17 -6.63 -16.16
CA SER B 21 -1.05 -6.87 -14.71
C SER B 21 -0.36 -5.70 -14.01
N VAL B 22 0.60 -5.10 -14.70
CA VAL B 22 1.33 -3.97 -14.16
C VAL B 22 0.35 -2.82 -14.03
N LEU B 23 -0.53 -2.69 -15.03
CA LEU B 23 -1.55 -1.65 -15.04
C LEU B 23 -2.52 -1.80 -13.89
N MET B 24 -2.92 -3.05 -13.61
CA MET B 24 -3.87 -3.32 -12.54
C MET B 24 -3.18 -3.02 -11.22
N TRP B 25 -1.94 -3.49 -11.09
CA TRP B 25 -1.17 -3.22 -9.89
C TRP B 25 -0.97 -1.70 -9.74
N GLY B 26 -0.71 -1.04 -10.86
CA GLY B 26 -0.43 0.38 -10.87
C GLY B 26 -1.63 1.22 -10.44
N VAL B 27 -2.79 0.95 -11.04
CA VAL B 27 -3.94 1.77 -10.69
C VAL B 27 -4.30 1.52 -9.23
N ASN B 28 -4.09 0.28 -8.79
CA ASN B 28 -4.42 -0.09 -7.45
C ASN B 28 -3.55 0.62 -6.43
N HIS B 29 -2.26 0.55 -6.68
CA HIS B 29 -1.28 1.22 -5.86
C HIS B 29 -1.47 2.76 -5.76
N THR B 30 -1.69 3.42 -6.90
CA THR B 30 -1.75 4.88 -6.93
C THR B 30 -3.08 5.40 -6.34
N ILE B 31 -4.19 4.72 -6.63
CA ILE B 31 -5.43 5.06 -5.98
C ILE B 31 -5.33 4.90 -4.44
N ASN B 32 -4.73 3.80 -3.96
CA ASN B 32 -4.56 3.66 -2.51
C ASN B 32 -3.73 4.79 -1.91
N GLU B 33 -2.62 5.08 -2.57
CA GLU B 33 -1.74 6.12 -2.13
C GLU B 33 -2.53 7.45 -2.06
N LEU B 34 -3.38 7.69 -3.04
CA LEU B 34 -4.04 8.97 -3.15
C LEU B 34 -5.03 9.12 -2.00
N SER B 35 -5.43 7.99 -1.43
CA SER B 35 -6.47 7.99 -0.41
C SER B 35 -5.87 8.45 0.91
N ASN B 36 -4.55 8.52 0.96
CA ASN B 36 -3.88 9.14 2.08
C ASN B 36 -3.45 10.58 1.76
N VAL B 37 -3.81 11.07 0.58
CA VAL B 37 -3.47 12.44 0.25
C VAL B 37 -4.63 13.39 0.41
N PRO B 38 -4.49 14.35 1.31
CA PRO B 38 -5.63 15.24 1.60
C PRO B 38 -6.09 15.90 0.31
N VAL B 39 -7.41 15.89 0.07
CA VAL B 39 -7.97 16.61 -1.05
C VAL B 39 -7.87 18.12 -0.83
N PRO B 40 -7.09 18.81 -1.67
CA PRO B 40 -6.73 20.22 -1.53
C PRO B 40 -7.88 21.17 -1.84
N VAL B 41 -7.79 22.43 -1.38
CA VAL B 41 -8.78 23.46 -1.67
C VAL B 41 -8.75 23.94 -3.11
N MET B 42 -7.58 23.81 -3.73
CA MET B 42 -7.42 24.15 -5.16
C MET B 42 -6.19 23.43 -5.71
N LEU B 43 -6.17 23.23 -7.02
CA LEU B 43 -4.96 22.72 -7.69
C LEU B 43 -3.98 23.87 -7.85
N MET B 44 -2.70 23.52 -7.83
CA MET B 44 -1.65 24.50 -7.96
C MET B 44 -0.85 24.25 -9.24
N PRO B 45 -0.12 25.27 -9.69
CA PRO B 45 0.59 25.11 -10.96
C PRO B 45 1.54 23.89 -10.95
N ASP B 46 2.23 23.64 -9.84
CA ASP B 46 3.06 22.43 -9.72
C ASP B 46 2.32 21.11 -9.93
N ASP B 47 1.02 21.06 -9.59
CA ASP B 47 0.24 19.85 -9.81
C ASP B 47 0.20 19.43 -11.29
N PHE B 48 0.44 20.38 -12.18
CA PHE B 48 0.39 20.11 -13.62
C PHE B 48 1.76 19.73 -14.14
N LYS B 49 2.74 19.74 -13.24
CA LYS B 49 4.12 19.35 -13.56
C LYS B 49 4.56 18.20 -12.68
N ALA B 50 3.63 17.67 -11.89
CA ALA B 50 3.93 16.63 -10.92
C ALA B 50 3.80 15.17 -11.46
N TYR B 51 4.39 14.22 -10.73
CA TYR B 51 4.15 12.81 -11.05
C TYR B 51 4.54 11.95 -9.89
N SER B 52 4.06 10.72 -9.94
CA SER B 52 4.55 9.66 -9.06
C SER B 52 5.29 8.64 -9.92
N LYS B 53 6.39 8.13 -9.41
CA LYS B 53 7.17 7.11 -10.09
C LYS B 53 7.42 6.01 -9.04
N ILE B 54 7.18 4.76 -9.42
CA ILE B 54 7.56 3.68 -8.51
C ILE B 54 8.26 2.55 -9.27
N LYS B 55 9.46 2.19 -8.80
CA LYS B 55 10.23 1.08 -9.36
C LYS B 55 10.18 -0.12 -8.43
N VAL B 56 9.76 -1.27 -8.98
CA VAL B 56 9.62 -2.52 -8.22
C VAL B 56 10.64 -3.59 -8.61
N ASP B 57 11.36 -4.10 -7.62
CA ASP B 57 12.35 -5.16 -7.86
C ASP B 57 12.13 -6.29 -6.87
N ASN B 58 11.36 -7.30 -7.27
CA ASN B 58 10.98 -8.38 -6.35
C ASN B 58 11.70 -9.70 -6.58
N HIS B 59 12.82 -9.91 -5.88
CA HIS B 59 13.52 -11.18 -5.99
C HIS B 59 12.78 -12.38 -5.34
N LEU B 60 12.51 -13.39 -6.14
CA LEU B 60 11.94 -14.64 -5.65
C LEU B 60 10.69 -14.40 -4.79
N PHE B 61 9.84 -13.49 -5.24
CA PHE B 61 8.65 -13.09 -4.48
C PHE B 61 7.51 -12.53 -5.31
N ASN B 62 6.32 -13.10 -5.14
CA ASN B 62 5.09 -12.47 -5.63
C ASN B 62 5.08 -12.39 -7.15
N LYS B 63 5.66 -13.40 -7.77
CA LYS B 63 5.85 -13.40 -9.22
C LYS B 63 4.82 -14.25 -9.97
N GLU B 64 3.79 -14.71 -9.25
CA GLU B 64 2.73 -15.50 -9.88
C GLU B 64 2.08 -14.76 -11.05
N ASN B 65 1.76 -13.49 -10.87
CA ASN B 65 1.09 -12.77 -11.95
C ASN B 65 1.86 -11.53 -12.39
N LEU B 66 2.51 -10.90 -11.42
CA LEU B 66 3.33 -9.71 -11.68
C LEU B 66 4.72 -10.07 -12.19
N PRO B 67 5.26 -9.26 -13.11
CA PRO B 67 6.69 -9.34 -13.38
C PRO B 67 7.40 -9.10 -12.06
N SER B 68 8.66 -9.45 -12.01
CA SER B 68 9.47 -9.26 -10.81
C SER B 68 10.09 -7.86 -10.78
N ARG B 69 10.29 -7.28 -11.97
CA ARG B 69 10.81 -5.93 -12.11
C ARG B 69 9.94 -5.12 -13.06
N PHE B 70 9.55 -3.92 -12.64
CA PHE B 70 8.72 -3.08 -13.50
C PHE B 70 8.70 -1.66 -12.95
N LYS B 71 8.17 -0.73 -13.74
CA LYS B 71 8.06 0.64 -13.27
C LYS B 71 6.66 1.12 -13.54
N PHE B 72 6.19 2.04 -12.71
CA PHE B 72 4.90 2.63 -12.95
C PHE B 72 4.93 4.13 -12.61
N LYS B 73 4.53 4.95 -13.57
CA LYS B 73 4.54 6.39 -13.42
C LYS B 73 3.15 6.94 -13.64
N GLU B 74 2.64 7.71 -12.69
CA GLU B 74 1.37 8.35 -12.93
C GLU B 74 1.57 9.85 -13.11
N TYR B 75 1.05 10.37 -14.22
CA TYR B 75 1.18 11.80 -14.50
C TYR B 75 0.15 12.61 -13.73
N CYS B 76 0.63 13.63 -13.01
CA CYS B 76 -0.24 14.71 -12.49
C CYS B 76 -1.39 14.17 -11.65
N PRO B 77 -1.08 13.31 -10.69
CA PRO B 77 -2.16 12.57 -10.02
C PRO B 77 -3.22 13.45 -9.33
N MET B 78 -2.83 14.58 -8.75
CA MET B 78 -3.81 15.49 -8.13
C MET B 78 -4.84 16.02 -9.15
N VAL B 79 -4.34 16.38 -10.34
CA VAL B 79 -5.19 16.90 -11.41
C VAL B 79 -6.17 15.84 -11.91
N PHE B 80 -5.68 14.65 -12.20
CA PHE B 80 -6.57 13.59 -12.67
C PHE B 80 -7.56 13.10 -11.56
N ARG B 81 -7.11 13.09 -10.32
CA ARG B 81 -8.07 12.80 -9.27
C ARG B 81 -9.17 13.89 -9.18
N ASN B 82 -8.78 15.15 -9.30
CA ASN B 82 -9.79 16.19 -9.39
C ASN B 82 -10.68 16.06 -10.60
N LEU B 83 -10.09 15.69 -11.74
CA LEU B 83 -10.89 15.42 -12.93
C LEU B 83 -11.93 14.32 -12.66
N ARG B 84 -11.50 13.24 -12.01
CA ARG B 84 -12.42 12.15 -11.66
C ARG B 84 -13.59 12.73 -10.86
N GLU B 85 -13.30 13.60 -9.90
CA GLU B 85 -14.39 14.09 -9.07
C GLU B 85 -15.30 14.97 -9.86
N ARG B 86 -14.73 15.83 -10.69
CA ARG B 86 -15.54 16.64 -11.56
C ARG B 86 -16.36 15.85 -12.57
N PHE B 87 -15.93 14.64 -12.90
CA PHE B 87 -16.74 13.77 -13.76
C PHE B 87 -17.64 12.83 -12.94
N GLY B 88 -17.77 13.10 -11.66
CA GLY B 88 -18.63 12.29 -10.81
C GLY B 88 -18.24 10.83 -10.78
N ILE B 89 -16.94 10.58 -10.82
CA ILE B 89 -16.46 9.22 -10.68
C ILE B 89 -15.71 9.03 -9.37
N ASP B 90 -16.22 8.12 -8.53
CA ASP B 90 -15.59 7.83 -7.23
C ASP B 90 -14.27 7.06 -7.42
N ASP B 91 -13.23 7.46 -6.69
CA ASP B 91 -11.94 6.83 -6.87
C ASP B 91 -12.01 5.32 -6.68
N GLN B 92 -12.73 4.87 -5.66
CA GLN B 92 -12.78 3.44 -5.37
C GLN B 92 -13.53 2.66 -6.44
N ASP B 93 -14.48 3.30 -7.11
CA ASP B 93 -15.10 2.63 -8.24
C ASP B 93 -14.14 2.48 -9.41
N TYR B 94 -13.40 3.55 -9.68
CA TYR B 94 -12.37 3.55 -10.72
C TYR B 94 -11.36 2.45 -10.43
N GLN B 95 -10.84 2.43 -9.22
CA GLN B 95 -9.94 1.37 -8.78
C GLN B 95 -10.57 0.00 -9.00
N ASN B 96 -11.78 -0.21 -8.47
CA ASN B 96 -12.44 -1.49 -8.66
C ASN B 96 -12.59 -1.90 -10.13
N SER B 97 -12.88 -0.94 -11.00
CA SER B 97 -13.13 -1.25 -12.39
C SER B 97 -11.89 -1.77 -13.09
N VAL B 98 -10.73 -1.23 -12.74
CA VAL B 98 -9.49 -1.62 -13.40
C VAL B 98 -8.92 -2.90 -12.81
N THR B 99 -9.30 -3.21 -11.59
CA THR B 99 -8.47 -4.01 -10.69
C THR B 99 -9.04 -5.39 -10.30
N ARG B 100 -10.37 -5.46 -10.16
CA ARG B 100 -11.09 -6.72 -9.89
C ARG B 100 -10.85 -7.79 -10.96
N SER B 101 -10.82 -7.37 -12.21
CA SER B 101 -10.61 -8.33 -13.31
C SER B 101 -9.88 -7.68 -14.48
N ALA B 102 -9.08 -8.46 -15.20
CA ALA B 102 -8.21 -7.90 -16.22
C ALA B 102 -9.00 -7.07 -17.21
N PRO B 103 -8.49 -5.87 -17.52
CA PRO B 103 -9.06 -5.13 -18.64
C PRO B 103 -9.17 -6.06 -19.84
N ILE B 104 -10.05 -5.71 -20.77
CA ILE B 104 -10.51 -6.61 -21.82
C ILE B 104 -10.20 -6.13 -23.22
N ASN B 105 -10.34 -7.03 -24.20
CA ASN B 105 -10.29 -6.64 -25.60
C ASN B 105 -8.99 -5.92 -25.94
N ARG B 115 -3.24 -0.26 -29.33
CA ARG B 115 -3.88 -1.02 -28.26
C ARG B 115 -5.04 -0.29 -27.56
N PHE B 116 -6.18 -0.95 -27.52
CA PHE B 116 -7.41 -0.37 -27.03
C PHE B 116 -8.13 -1.33 -26.10
N LEU B 117 -8.39 -0.89 -24.88
CA LEU B 117 -8.96 -1.75 -23.86
C LEU B 117 -10.19 -1.13 -23.24
N THR B 118 -10.96 -1.98 -22.57
CA THR B 118 -11.98 -1.53 -21.65
C THR B 118 -11.80 -2.34 -20.37
N THR B 119 -12.19 -1.76 -19.24
CA THR B 119 -12.20 -2.48 -17.99
C THR B 119 -13.22 -3.59 -18.13
N TYR B 120 -13.13 -4.62 -17.28
CA TYR B 120 -13.90 -5.84 -17.51
C TYR B 120 -15.38 -5.50 -17.47
N ASP B 121 -15.72 -4.40 -16.81
CA ASP B 121 -17.11 -4.01 -16.68
C ASP B 121 -17.51 -2.92 -17.68
N ARG B 122 -16.71 -2.74 -18.73
CA ARG B 122 -17.05 -1.84 -19.83
C ARG B 122 -17.18 -0.35 -19.49
N ARG B 123 -16.93 0.03 -18.24
CA ARG B 123 -17.12 1.41 -17.81
C ARG B 123 -16.03 2.40 -18.28
N PHE B 124 -14.82 1.91 -18.47
CA PHE B 124 -13.71 2.80 -18.76
C PHE B 124 -12.91 2.27 -19.93
N VAL B 125 -12.44 3.17 -20.79
CA VAL B 125 -11.59 2.79 -21.92
C VAL B 125 -10.14 3.03 -21.57
N ILE B 126 -9.26 2.17 -22.07
CA ILE B 126 -7.81 2.31 -21.84
C ILE B 126 -7.04 2.25 -23.15
N LYS B 127 -6.67 3.42 -23.67
CA LYS B 127 -5.98 3.53 -24.97
C LYS B 127 -4.48 3.56 -24.75
N THR B 128 -3.72 2.80 -25.52
CA THR B 128 -2.29 3.08 -25.52
C THR B 128 -2.10 4.33 -26.36
N VAL B 129 -1.21 5.19 -25.93
CA VAL B 129 -0.87 6.36 -26.74
C VAL B 129 0.64 6.50 -26.83
N SER B 130 1.04 7.51 -27.60
CA SER B 130 2.45 7.79 -27.88
C SER B 130 3.02 8.82 -26.93
N SER B 131 4.33 8.89 -26.90
CA SER B 131 5.05 9.91 -26.15
C SER B 131 4.55 11.31 -26.50
N GLU B 132 4.30 11.58 -27.78
CA GLU B 132 3.88 12.93 -28.17
C GLU B 132 2.47 13.23 -27.70
N ASP B 133 1.60 12.23 -27.72
CA ASP B 133 0.29 12.36 -27.07
C ASP B 133 0.38 12.85 -25.61
N VAL B 134 1.25 12.21 -24.84
CA VAL B 134 1.43 12.57 -23.44
C VAL B 134 1.92 14.02 -23.31
N ALA B 135 2.85 14.41 -24.18
CA ALA B 135 3.30 15.79 -24.28
C ALA B 135 2.14 16.71 -24.68
N GLU B 136 1.31 16.28 -25.62
CA GLU B 136 0.19 17.12 -26.02
C GLU B 136 -0.75 17.30 -24.82
N MET B 137 -1.00 16.23 -24.09
CA MET B 137 -1.88 16.27 -22.92
C MET B 137 -1.36 17.25 -21.89
N HIS B 138 -0.05 17.23 -21.65
CA HIS B 138 0.54 18.17 -20.71
C HIS B 138 0.34 19.56 -21.27
N ASN B 139 0.47 19.66 -22.57
CA ASN B 139 0.33 20.92 -23.25
C ASN B 139 -1.04 21.55 -22.99
N ILE B 140 -2.10 20.74 -23.07
CA ILE B 140 -3.45 21.27 -22.95
C ILE B 140 -4.12 21.14 -21.58
N LEU B 141 -3.44 20.52 -20.61
CA LEU B 141 -4.12 20.04 -19.40
C LEU B 141 -4.75 21.14 -18.53
N LYS B 142 -4.00 22.21 -18.30
CA LYS B 142 -4.48 23.35 -17.52
C LYS B 142 -5.76 23.92 -18.11
N LYS B 143 -5.75 24.16 -19.43
CA LYS B 143 -6.91 24.74 -20.09
C LYS B 143 -8.02 23.72 -20.20
N TYR B 144 -7.66 22.45 -20.31
CA TYR B 144 -8.66 21.38 -20.32
C TYR B 144 -9.32 21.28 -18.95
N HIS B 145 -8.51 21.43 -17.90
CA HIS B 145 -9.07 21.44 -16.56
C HIS B 145 -9.97 22.64 -16.35
N GLN B 146 -9.43 23.84 -16.60
CA GLN B 146 -10.18 25.09 -16.42
C GLN B 146 -11.54 25.03 -17.12
N PHE B 147 -11.56 24.34 -18.26
CA PHE B 147 -12.76 24.24 -19.08
C PHE B 147 -13.77 23.28 -18.48
N ILE B 148 -13.31 22.14 -17.97
CA ILE B 148 -14.20 21.19 -17.31
C ILE B 148 -14.83 21.84 -16.08
N VAL B 149 -14.04 22.66 -15.39
CA VAL B 149 -14.52 23.42 -14.24
C VAL B 149 -15.69 24.31 -14.67
N GLU B 150 -15.48 25.01 -15.79
CA GLU B 150 -16.41 26.02 -16.26
C GLU B 150 -17.69 25.45 -16.83
N CYS B 151 -17.61 24.34 -17.55
CA CYS B 151 -18.82 23.72 -18.08
C CYS B 151 -19.43 22.78 -17.04
N HIS B 152 -18.92 22.87 -15.82
CA HIS B 152 -19.45 22.04 -14.75
C HIS B 152 -19.55 20.58 -15.17
N GLY B 153 -18.54 20.10 -15.90
CA GLY B 153 -18.42 18.70 -16.21
C GLY B 153 -19.26 18.24 -17.39
N ASN B 154 -20.10 19.15 -17.89
CA ASN B 154 -21.02 18.82 -18.97
C ASN B 154 -20.43 19.16 -20.35
N THR B 155 -20.15 18.13 -21.14
CA THR B 155 -19.35 18.28 -22.35
C THR B 155 -19.26 16.96 -23.11
N LEU B 156 -19.04 17.05 -24.41
CA LEU B 156 -18.88 15.83 -25.18
C LEU B 156 -17.41 15.49 -25.38
N LEU B 157 -16.52 16.28 -24.81
CA LEU B 157 -15.09 15.97 -24.91
C LEU B 157 -14.81 14.68 -24.18
N PRO B 158 -13.68 14.04 -24.51
CA PRO B 158 -13.27 12.86 -23.74
C PRO B 158 -13.08 13.27 -22.30
N GLN B 159 -13.47 12.40 -21.37
CA GLN B 159 -13.21 12.65 -19.96
C GLN B 159 -11.99 11.84 -19.53
N PHE B 160 -10.86 12.55 -19.38
CA PHE B 160 -9.58 11.96 -19.02
C PHE B 160 -9.53 11.66 -17.53
N LEU B 161 -9.42 10.38 -17.17
CA LEU B 161 -9.44 9.95 -15.78
C LEU B 161 -8.06 9.68 -15.17
N GLY B 162 -7.10 9.36 -16.02
CA GLY B 162 -5.74 9.12 -15.55
C GLY B 162 -4.85 8.95 -16.76
N MET B 163 -3.55 9.10 -16.54
CA MET B 163 -2.59 8.96 -17.61
C MET B 163 -1.37 8.34 -16.97
N TYR B 164 -0.83 7.30 -17.62
CA TYR B 164 0.20 6.49 -17.00
C TYR B 164 1.28 6.08 -17.96
N ARG B 165 2.44 5.76 -17.42
CA ARG B 165 3.51 5.19 -18.19
C ARG B 165 4.00 3.93 -17.50
N LEU B 166 3.95 2.81 -18.22
CA LEU B 166 4.41 1.52 -17.71
C LEU B 166 5.73 1.15 -18.34
N THR B 167 6.64 0.67 -17.51
CA THR B 167 7.91 0.15 -17.98
C THR B 167 7.96 -1.33 -17.66
N VAL B 168 7.99 -2.16 -18.69
CA VAL B 168 8.10 -3.61 -18.53
C VAL B 168 9.06 -4.19 -19.56
N ASP B 169 9.92 -5.09 -19.10
CA ASP B 169 10.98 -5.61 -19.96
C ASP B 169 11.71 -4.46 -20.63
N GLY B 170 11.99 -3.42 -19.87
CA GLY B 170 12.68 -2.27 -20.38
C GLY B 170 11.91 -1.45 -21.41
N VAL B 171 10.62 -1.78 -21.62
CA VAL B 171 9.80 -1.06 -22.59
C VAL B 171 8.68 -0.18 -22.02
N GLU B 172 8.68 1.10 -22.42
CA GLU B 172 7.73 2.09 -21.94
C GLU B 172 6.47 2.07 -22.76
N THR B 173 5.32 2.07 -22.08
CA THR B 173 4.02 2.18 -22.70
C THR B 173 3.22 3.33 -22.02
N TYR B 174 2.59 4.17 -22.82
CA TYR B 174 1.77 5.25 -22.27
C TYR B 174 0.31 4.86 -22.42
N MET B 175 -0.52 5.25 -21.44
CA MET B 175 -1.95 4.94 -21.52
C MET B 175 -2.82 6.08 -21.00
N VAL B 176 -3.98 6.26 -21.63
CA VAL B 176 -4.93 7.27 -21.17
C VAL B 176 -6.31 6.68 -20.90
N VAL B 177 -6.76 6.82 -19.66
CA VAL B 177 -8.05 6.27 -19.27
C VAL B 177 -9.17 7.29 -19.43
N THR B 178 -10.26 6.86 -20.07
CA THR B 178 -11.41 7.73 -20.31
C THR B 178 -12.71 7.04 -19.87
N ARG B 179 -13.74 7.85 -19.67
CA ARG B 179 -15.03 7.26 -19.46
C ARG B 179 -15.53 6.78 -20.81
N ALA B 180 -16.11 5.60 -20.82
CA ALA B 180 -16.51 5.01 -22.10
C ALA B 180 -17.61 5.84 -22.71
N VAL B 181 -17.62 5.88 -24.04
CA VAL B 181 -18.69 6.52 -24.76
C VAL B 181 -19.87 5.55 -24.75
N PHE B 182 -19.65 4.35 -25.26
CA PHE B 182 -20.69 3.34 -25.36
C PHE B 182 -21.07 2.76 -24.00
N SER B 183 -22.37 2.52 -23.83
CA SER B 183 -22.89 1.91 -22.62
C SER B 183 -22.17 0.62 -22.23
N HIS B 184 -22.00 0.42 -20.94
CA HIS B 184 -21.36 -0.74 -20.45
C HIS B 184 -22.35 -1.80 -20.24
N ARG B 185 -23.60 -1.52 -20.54
CA ARG B 185 -24.65 -2.52 -20.41
C ARG B 185 -25.25 -2.83 -21.78
N LEU B 186 -26.05 -1.89 -22.28
CA LEU B 186 -26.67 -1.99 -23.62
C LEU B 186 -25.70 -2.13 -24.75
N THR B 187 -26.05 -2.88 -25.78
CA THR B 187 -25.08 -3.22 -26.81
C THR B 187 -25.31 -2.44 -28.12
N VAL B 188 -24.27 -2.29 -28.92
CA VAL B 188 -24.34 -1.48 -30.13
C VAL B 188 -24.36 -2.31 -31.42
N HIS B 189 -25.14 -1.85 -32.40
CA HIS B 189 -25.28 -2.55 -33.67
C HIS B 189 -24.76 -1.75 -34.86
N ARG B 190 -24.29 -0.53 -34.60
CA ARG B 190 -23.80 0.33 -35.68
C ARG B 190 -22.98 1.50 -35.13
N LYS B 191 -21.77 1.69 -35.66
CA LYS B 191 -20.95 2.83 -35.28
C LYS B 191 -20.91 3.88 -36.37
N TYR B 192 -20.41 5.06 -36.04
CA TYR B 192 -20.10 6.08 -37.03
C TYR B 192 -18.94 6.96 -36.59
N ASP B 193 -18.11 7.37 -37.54
CA ASP B 193 -16.96 8.20 -37.24
C ASP B 193 -17.01 9.48 -38.06
N LEU B 194 -17.83 10.41 -37.59
CA LEU B 194 -18.11 11.64 -38.34
C LEU B 194 -17.02 12.70 -38.13
N LYS B 195 -16.68 13.41 -39.19
CA LYS B 195 -15.59 14.40 -39.13
C LYS B 195 -15.84 15.69 -39.89
N GLY B 196 -16.76 15.66 -40.87
CA GLY B 196 -17.01 16.80 -41.74
C GLY B 196 -15.80 17.28 -42.53
N GLU B 202 -14.97 7.16 -45.60
CA GLU B 202 -15.92 6.06 -45.57
C GLU B 202 -15.26 4.69 -45.36
N ALA B 203 -16.07 3.67 -45.13
CA ALA B 203 -15.58 2.37 -44.69
C ALA B 203 -14.90 1.54 -45.78
N SER B 204 -13.77 0.94 -45.44
CA SER B 204 -13.04 0.05 -46.35
C SER B 204 -13.77 -1.27 -46.49
N ASP B 205 -13.37 -2.05 -47.48
CA ASP B 205 -14.04 -3.30 -47.79
C ASP B 205 -13.81 -4.35 -46.69
N LYS B 206 -12.55 -4.62 -46.41
CA LYS B 206 -12.17 -5.55 -45.35
C LYS B 206 -12.78 -5.17 -44.00
N GLU B 207 -13.03 -3.87 -43.83
CA GLU B 207 -13.67 -3.35 -42.62
C GLU B 207 -15.18 -3.53 -42.69
N LYS B 208 -15.76 -3.15 -43.82
CA LYS B 208 -17.21 -3.19 -43.99
C LYS B 208 -17.77 -4.59 -43.73
N ALA B 209 -16.88 -5.51 -43.36
CA ALA B 209 -17.28 -6.88 -43.06
C ALA B 209 -17.25 -7.14 -41.56
N LYS B 210 -16.49 -6.32 -40.84
CA LYS B 210 -16.36 -6.45 -39.38
C LYS B 210 -17.72 -6.56 -38.69
N ASP B 211 -17.74 -7.24 -37.56
CA ASP B 211 -18.93 -7.31 -36.71
C ASP B 211 -19.30 -5.89 -36.29
N LEU B 212 -18.28 -5.09 -35.99
CA LEU B 212 -18.47 -3.70 -35.63
C LEU B 212 -17.93 -2.78 -36.71
N PRO B 213 -18.79 -2.42 -37.69
CA PRO B 213 -18.37 -1.63 -38.85
C PRO B 213 -18.24 -0.14 -38.50
N THR B 214 -17.01 0.36 -38.53
CA THR B 214 -16.81 1.79 -38.25
C THR B 214 -17.04 2.60 -39.52
N PHE B 215 -18.29 2.95 -39.75
CA PHE B 215 -18.66 3.74 -40.91
C PHE B 215 -18.06 5.12 -40.83
N LYS B 216 -18.33 5.95 -41.83
CA LYS B 216 -17.83 7.32 -41.87
C LYS B 216 -18.87 8.26 -42.47
N ASP B 217 -18.53 9.54 -42.54
CA ASP B 217 -19.48 10.57 -42.97
C ASP B 217 -20.28 10.15 -44.21
N ASN B 218 -19.61 9.58 -45.21
CA ASN B 218 -20.26 9.23 -46.47
C ASN B 218 -21.29 8.11 -46.33
N ASP B 219 -20.92 7.04 -45.64
CA ASP B 219 -21.85 5.97 -45.32
C ASP B 219 -23.09 6.55 -44.66
N PHE B 220 -22.87 7.48 -43.74
CA PHE B 220 -23.96 8.10 -42.98
C PHE B 220 -24.88 8.96 -43.86
N LEU B 221 -24.30 9.79 -44.70
CA LEU B 221 -25.10 10.57 -45.64
C LEU B 221 -25.80 9.62 -46.61
N ASN B 222 -25.03 8.67 -47.15
CA ASN B 222 -25.52 7.71 -48.14
C ASN B 222 -26.86 7.09 -47.76
N GLU B 223 -26.96 6.61 -46.51
CA GLU B 223 -28.22 6.05 -46.02
C GLU B 223 -29.09 7.16 -45.47
N GLY B 224 -28.76 8.40 -45.83
CA GLY B 224 -29.50 9.57 -45.41
C GLY B 224 -30.08 9.46 -44.01
N GLN B 225 -29.25 8.99 -43.06
CA GLN B 225 -29.69 8.82 -41.67
C GLN B 225 -29.61 10.12 -40.89
N LYS B 226 -30.49 10.26 -39.91
CA LYS B 226 -30.41 11.39 -38.99
C LYS B 226 -31.06 11.02 -37.66
N LEU B 227 -30.23 10.91 -36.62
CA LEU B 227 -30.72 10.56 -35.29
C LEU B 227 -31.85 11.48 -34.88
N HIS B 228 -33.02 10.91 -34.59
CA HIS B 228 -34.18 11.70 -34.20
C HIS B 228 -34.12 11.98 -32.71
N VAL B 229 -34.13 13.26 -32.36
CA VAL B 229 -33.98 13.67 -30.96
C VAL B 229 -34.93 14.81 -30.61
N SER B 233 -33.93 17.98 -27.29
CA SER B 233 -32.59 17.56 -26.88
C SER B 233 -31.53 18.06 -27.86
N LYS B 234 -31.72 17.73 -29.13
CA LYS B 234 -30.83 18.18 -30.20
C LYS B 234 -30.45 19.64 -30.01
N LYS B 235 -31.34 20.42 -29.40
CA LYS B 235 -31.08 21.83 -29.15
C LYS B 235 -29.90 21.99 -28.19
N ASN B 236 -29.98 21.32 -27.05
CA ASN B 236 -28.91 21.36 -26.05
C ASN B 236 -27.67 20.59 -26.48
N PHE B 237 -27.86 19.39 -27.00
CA PHE B 237 -26.75 18.59 -27.49
C PHE B 237 -25.85 19.42 -28.40
N LEU B 238 -26.47 20.18 -29.32
CA LEU B 238 -25.72 20.99 -30.27
C LEU B 238 -25.08 22.21 -29.62
N GLU B 239 -25.77 22.83 -28.66
CA GLU B 239 -25.21 23.95 -27.93
C GLU B 239 -23.92 23.52 -27.21
N LYS B 240 -23.92 22.27 -26.76
CA LYS B 240 -22.77 21.66 -26.10
C LYS B 240 -21.65 21.40 -27.10
N LEU B 241 -21.95 20.62 -28.13
CA LEU B 241 -20.99 20.32 -29.19
C LEU B 241 -20.33 21.60 -29.74
N LYS B 242 -21.03 22.72 -29.69
CA LYS B 242 -20.49 23.96 -30.22
C LYS B 242 -19.40 24.53 -29.32
N ARG B 243 -19.72 24.76 -28.04
CA ARG B 243 -18.72 25.26 -27.10
C ARG B 243 -17.52 24.33 -27.01
N ASP B 244 -17.75 23.04 -27.20
CA ASP B 244 -16.67 22.05 -27.19
C ASP B 244 -15.70 22.31 -28.34
N VAL B 245 -16.22 22.41 -29.55
CA VAL B 245 -15.39 22.55 -30.74
C VAL B 245 -14.73 23.92 -30.83
N GLU B 246 -15.37 24.93 -30.23
CA GLU B 246 -14.76 26.25 -30.18
C GLU B 246 -13.56 26.20 -29.23
N PHE B 247 -13.65 25.36 -28.20
CA PHE B 247 -12.56 25.20 -27.24
C PHE B 247 -11.40 24.42 -27.87
N LEU B 248 -11.72 23.34 -28.60
CA LEU B 248 -10.70 22.61 -29.35
C LEU B 248 -9.98 23.56 -30.32
N ALA B 249 -10.75 24.45 -30.94
CA ALA B 249 -10.21 25.43 -31.87
C ALA B 249 -9.17 26.35 -31.23
N GLN B 250 -9.57 27.06 -30.17
CA GLN B 250 -8.66 27.95 -29.46
C GLN B 250 -7.38 27.25 -29.00
N LEU B 251 -7.43 25.93 -28.89
CA LEU B 251 -6.26 25.15 -28.52
C LEU B 251 -5.51 24.70 -29.76
N LYS B 252 -5.93 25.17 -30.92
CA LYS B 252 -5.31 24.77 -32.18
C LYS B 252 -5.23 23.25 -32.30
N ILE B 253 -6.28 22.57 -31.89
CA ILE B 253 -6.35 21.11 -32.02
C ILE B 253 -7.23 20.72 -33.20
N MET B 254 -7.06 19.49 -33.70
CA MET B 254 -7.88 19.02 -34.82
C MET B 254 -7.70 17.54 -35.17
N ASP B 255 -8.50 17.09 -36.10
CA ASP B 255 -8.53 15.63 -36.43
C ASP B 255 -9.34 14.70 -35.58
N TYR B 256 -10.04 15.29 -34.57
CA TYR B 256 -10.96 14.54 -33.71
C TYR B 256 -12.26 14.24 -34.43
N SER B 257 -12.88 13.12 -34.08
CA SER B 257 -14.14 12.73 -34.69
C SER B 257 -15.29 12.88 -33.71
N LEU B 258 -16.48 12.50 -34.16
CA LEU B 258 -17.61 12.31 -33.27
C LEU B 258 -17.99 10.83 -33.30
N LEU B 259 -17.73 10.13 -32.21
CA LEU B 259 -18.12 8.73 -32.13
C LEU B 259 -19.62 8.64 -31.88
N VAL B 260 -20.33 7.94 -32.76
CA VAL B 260 -21.78 7.75 -32.64
C VAL B 260 -22.13 6.26 -32.61
N GLY B 261 -22.89 5.87 -31.59
CA GLY B 261 -23.32 4.48 -31.46
C GLY B 261 -24.82 4.33 -31.63
N ILE B 262 -25.24 3.17 -32.12
CA ILE B 262 -26.66 2.87 -32.35
C ILE B 262 -27.08 1.53 -31.78
N HIS B 263 -27.94 1.56 -30.76
CA HIS B 263 -28.45 0.35 -30.16
C HIS B 263 -29.87 0.04 -30.60
N ASP B 264 -30.04 -1.08 -31.28
CA ASP B 264 -31.37 -1.53 -31.74
C ASP B 264 -32.21 -2.07 -30.57
N VAL B 265 -33.36 -1.47 -30.32
CA VAL B 265 -34.23 -1.90 -29.22
C VAL B 265 -34.75 -3.32 -29.48
N ASP B 266 -35.49 -3.45 -30.58
CA ASP B 266 -36.14 -4.73 -30.93
C ASP B 266 -35.12 -5.87 -30.96
N ARG B 267 -34.07 -5.75 -31.76
CA ARG B 267 -33.11 -6.84 -31.92
C ARG B 267 -31.98 -6.85 -30.89
N PHE B 313 -35.79 -8.21 -13.90
CA PHE B 313 -34.59 -7.97 -14.70
C PHE B 313 -34.53 -6.57 -15.30
N PHE B 314 -34.07 -6.49 -16.53
CA PHE B 314 -33.94 -5.23 -17.23
C PHE B 314 -34.82 -5.21 -18.49
N GLY B 315 -35.46 -4.07 -18.75
CA GLY B 315 -36.16 -3.88 -20.00
C GLY B 315 -35.22 -3.32 -21.06
N PRO B 316 -35.62 -3.47 -22.33
CA PRO B 316 -34.87 -2.90 -23.46
C PRO B 316 -34.95 -1.37 -23.47
N GLY B 317 -33.94 -0.71 -23.99
CA GLY B 317 -33.91 0.75 -24.04
C GLY B 317 -33.72 1.36 -22.67
N GLU B 318 -33.53 0.50 -21.67
CA GLU B 318 -33.40 0.92 -20.29
C GLU B 318 -31.95 1.19 -19.91
N PHE B 319 -31.67 2.38 -19.40
CA PHE B 319 -30.32 2.73 -18.99
C PHE B 319 -30.28 3.79 -17.87
N ASP B 320 -29.14 3.82 -17.16
CA ASP B 320 -28.91 4.76 -16.06
C ASP B 320 -28.12 5.95 -16.61
N PRO B 321 -28.81 7.08 -16.79
CA PRO B 321 -28.19 8.27 -17.38
C PRO B 321 -26.95 8.77 -16.64
N SER B 322 -26.84 8.47 -15.34
CA SER B 322 -25.66 8.88 -14.59
C SER B 322 -24.45 8.01 -14.89
N VAL B 323 -24.66 6.88 -15.55
CA VAL B 323 -23.58 5.98 -15.94
C VAL B 323 -23.35 6.02 -17.45
N ASP B 324 -24.39 5.74 -18.23
CA ASP B 324 -24.31 5.94 -19.68
C ASP B 324 -24.63 7.40 -19.98
N VAL B 325 -23.56 8.20 -19.94
CA VAL B 325 -23.62 9.65 -19.87
C VAL B 325 -23.80 10.26 -21.24
N TYR B 326 -23.61 9.45 -22.28
CA TYR B 326 -23.69 9.98 -23.62
C TYR B 326 -24.96 9.51 -24.29
N ALA B 327 -25.66 8.61 -23.61
CA ALA B 327 -26.82 7.92 -24.15
C ALA B 327 -28.07 8.82 -24.24
N MET B 328 -28.79 8.71 -25.35
CA MET B 328 -30.05 9.41 -25.55
C MET B 328 -31.06 8.43 -26.12
N LYS B 329 -32.21 8.29 -25.47
CA LYS B 329 -33.25 7.42 -26.02
C LYS B 329 -33.92 8.08 -27.23
N SER B 330 -34.20 7.29 -28.25
CA SER B 330 -34.82 7.81 -29.47
C SER B 330 -36.17 8.47 -29.20
N HIS B 331 -36.47 9.51 -29.95
CA HIS B 331 -37.75 10.21 -29.89
C HIS B 331 -38.92 9.21 -30.08
N GLU B 332 -40.14 9.74 -29.94
CA GLU B 332 -41.34 8.95 -30.22
C GLU B 332 -41.58 8.79 -31.73
N SER B 333 -41.53 9.91 -32.45
CA SER B 333 -41.95 9.99 -33.85
C SER B 333 -41.05 9.27 -34.82
N SER B 334 -40.03 8.62 -34.32
CA SER B 334 -39.11 7.93 -35.21
C SER B 334 -39.35 6.42 -35.31
N PRO B 335 -38.83 5.81 -36.39
CA PRO B 335 -38.84 4.37 -36.69
C PRO B 335 -38.29 3.49 -35.57
N VAL B 339 -31.59 3.61 -29.00
CA VAL B 339 -30.80 4.55 -28.18
C VAL B 339 -29.50 5.01 -28.85
N TYR B 340 -29.22 6.31 -28.77
CA TYR B 340 -28.00 6.88 -29.37
C TYR B 340 -26.96 7.26 -28.32
N PHE B 341 -25.70 6.90 -28.58
CA PHE B 341 -24.59 7.29 -27.72
C PHE B 341 -23.62 8.17 -28.50
N MET B 342 -23.37 9.40 -28.04
CA MET B 342 -22.57 10.33 -28.84
C MET B 342 -21.60 11.22 -28.05
N ALA B 343 -20.33 11.18 -28.43
CA ALA B 343 -19.31 12.03 -27.82
C ALA B 343 -18.19 12.34 -28.81
N ILE B 344 -17.37 13.34 -28.48
CA ILE B 344 -16.21 13.70 -29.28
C ILE B 344 -15.04 12.85 -28.84
N ILE B 345 -14.32 12.25 -29.78
CA ILE B 345 -13.19 11.42 -29.44
C ILE B 345 -11.92 11.76 -30.17
N ASP B 346 -10.80 11.36 -29.60
CA ASP B 346 -9.49 11.60 -30.19
C ASP B 346 -9.08 13.05 -30.32
N ILE B 347 -8.72 13.70 -29.24
CA ILE B 347 -8.46 15.11 -29.31
C ILE B 347 -7.06 15.50 -28.91
N LEU B 348 -6.16 14.54 -29.00
CA LEU B 348 -4.77 14.76 -28.68
C LEU B 348 -3.93 14.78 -29.93
N THR B 349 -4.61 14.89 -31.06
CA THR B 349 -4.02 14.76 -32.39
C THR B 349 -2.76 15.58 -32.66
N PRO B 350 -2.79 16.90 -32.37
CA PRO B 350 -1.60 17.70 -32.68
C PRO B 350 -0.58 17.70 -31.54
N ASN B 376 -7.15 26.34 -40.52
CA ASN B 376 -7.76 25.01 -40.55
C ASN B 376 -8.39 24.55 -39.23
N PRO B 377 -7.86 24.99 -38.08
CA PRO B 377 -8.53 24.71 -36.80
C PRO B 377 -9.92 25.34 -36.72
N GLU B 378 -10.00 26.67 -36.79
CA GLU B 378 -11.30 27.36 -36.84
C GLU B 378 -12.10 26.77 -37.99
N GLN B 379 -11.37 26.26 -38.97
CA GLN B 379 -11.94 25.74 -40.20
C GLN B 379 -12.49 24.33 -39.99
N TYR B 380 -11.65 23.44 -39.48
CA TYR B 380 -12.04 22.08 -39.14
C TYR B 380 -13.24 22.11 -38.19
N SER B 381 -13.25 23.12 -37.33
CA SER B 381 -14.34 23.38 -36.40
C SER B 381 -15.72 23.43 -37.04
N LYS B 382 -15.87 24.27 -38.06
CA LYS B 382 -17.15 24.45 -38.74
C LYS B 382 -17.54 23.29 -39.67
N ARG B 383 -16.54 22.67 -40.30
CA ARG B 383 -16.80 21.49 -41.10
C ARG B 383 -17.37 20.39 -40.21
N PHE B 384 -16.88 20.34 -38.98
CA PHE B 384 -17.34 19.33 -38.01
C PHE B 384 -18.67 19.74 -37.39
N ASN B 385 -18.75 20.99 -36.93
CA ASN B 385 -19.96 21.50 -36.31
C ASN B 385 -21.11 21.62 -37.30
N GLU B 386 -20.83 22.21 -38.46
CA GLU B 386 -21.83 22.39 -39.50
C GLU B 386 -22.36 21.06 -39.99
N PHE B 387 -21.47 20.08 -40.12
CA PHE B 387 -21.85 18.76 -40.60
C PHE B 387 -22.67 18.01 -39.54
N MET B 388 -22.24 18.09 -38.29
CA MET B 388 -22.93 17.43 -37.20
C MET B 388 -24.33 18.02 -36.99
N SER B 389 -24.43 19.34 -37.07
CA SER B 389 -25.70 20.02 -36.89
C SER B 389 -26.73 19.54 -37.90
N ASN B 390 -26.30 18.71 -38.84
CA ASN B 390 -27.18 18.17 -39.86
C ASN B 390 -27.91 16.91 -39.40
N ILE B 391 -27.15 15.96 -38.85
CA ILE B 391 -27.71 14.72 -38.35
C ILE B 391 -28.49 14.92 -37.06
P AMP C . 21.91 -2.72 23.31
O1P AMP C . 21.97 -3.82 22.29
O2P AMP C . 22.10 -1.36 22.73
O3P AMP C . 22.76 -2.94 24.51
O5' AMP C . 20.41 -2.83 23.89
C5' AMP C . 19.39 -1.87 23.55
C4' AMP C . 18.68 -1.25 24.77
O4' AMP C . 17.29 -1.56 24.81
C3' AMP C . 19.19 -1.73 26.09
O3' AMP C . 19.08 -0.64 26.99
C2' AMP C . 18.27 -2.87 26.45
O2' AMP C . 18.16 -2.89 27.87
C1' AMP C . 16.95 -2.58 25.75
N9 AMP C . 16.31 -3.63 24.94
C8 AMP C . 16.90 -4.38 24.02
N7 AMP C . 16.01 -5.20 23.43
C5 AMP C . 14.82 -4.95 23.96
C6 AMP C . 13.47 -5.46 23.78
N6 AMP C . 13.22 -6.43 22.89
N1 AMP C . 12.49 -4.95 24.52
C2 AMP C . 12.72 -3.98 25.41
N3 AMP C . 13.95 -3.48 25.62
C4 AMP C . 15.03 -3.91 24.94
H5'1 AMP C . 18.65 -2.36 22.93
H5'2 AMP C . 19.82 -1.09 22.93
H4' AMP C . 18.81 -0.15 24.76
H3' AMP C . 20.24 -2.08 26.05
HO3' AMP C . 19.44 -0.89 27.85
H2' AMP C . 18.68 -3.81 26.07
HO2' AMP C . 18.99 -3.15 28.25
H1' AMP C . 16.24 -2.20 26.48
H8 AMP C . 17.95 -4.38 23.80
HN61 AMP C . 12.28 -6.78 22.76
HN62 AMP C . 13.97 -6.81 22.34
H2 AMP C . 11.88 -3.60 25.98
P AMP D . 0.21 12.72 48.26
O1P AMP D . -0.13 12.36 46.93
O2P AMP D . -0.78 12.31 49.22
O3P AMP D . 0.73 14.04 48.52
O5' AMP D . 1.36 11.81 48.65
C5' AMP D . 2.37 12.28 49.47
C4' AMP D . 3.43 11.22 49.60
O4' AMP D . 2.87 10.12 50.21
C3' AMP D . 3.89 10.72 48.29
O3' AMP D . 5.23 10.34 48.41
C2' AMP D . 3.06 9.55 48.03
O2' AMP D . 3.72 8.70 47.13
C1' AMP D . 2.93 9.00 49.40
N9 AMP D . 1.70 8.26 49.47
C8 AMP D . 0.51 8.81 49.53
N7 AMP D . -0.44 7.87 49.55
C5 AMP D . 0.17 6.72 49.49
C6 AMP D . -0.26 5.35 49.48
N6 AMP D . -1.54 5.02 49.54
N1 AMP D . 0.67 4.43 49.41
C2 AMP D . 1.95 4.73 49.35
N3 AMP D . 2.39 5.96 49.37
C4 AMP D . 1.56 6.98 49.43
H5'1 AMP D . 1.96 12.53 50.43
H5'2 AMP D . 2.80 13.17 49.03
H4' AMP D . 4.28 11.59 50.18
H3' AMP D . 3.74 11.49 47.52
HO3' AMP D . 5.54 10.03 47.55
H2' AMP D . 2.07 9.85 47.68
HO2' AMP D . 3.64 9.01 46.23
H1' AMP D . 3.79 8.37 49.65
H8 AMP D . 0.33 9.87 49.56
HN61 AMP D . -1.80 4.05 49.53
HN62 AMP D . -2.24 5.74 49.59
H2 AMP D . 2.67 3.93 49.30
P AMP E . 21.93 -5.88 1.47
O1P AMP E . 22.22 -4.49 1.97
O2P AMP E . 22.41 -6.25 0.08
O3P AMP E . 20.45 -6.13 1.47
O5' AMP E . 22.47 -6.95 2.52
C5' AMP E . 22.88 -6.55 3.83
C4' AMP E . 23.73 -7.61 4.49
O4' AMP E . 22.96 -8.85 4.57
C3' AMP E . 25.01 -7.98 3.75
O3' AMP E . 25.98 -8.50 4.67
C2' AMP E . 24.52 -9.08 2.82
O2' AMP E . 25.52 -9.91 2.28
C1' AMP E . 23.56 -9.84 3.74
N9 AMP E . 22.51 -10.54 3.00
C8 AMP E . 21.56 -9.94 2.24
N7 AMP E . 20.77 -10.87 1.65
C5 AMP E . 21.21 -12.09 2.01
C6 AMP E . 20.84 -13.49 1.76
N6 AMP E . 19.80 -13.82 0.97
N1 AMP E . 21.56 -14.46 2.34
C2 AMP E . 22.61 -14.17 3.13
N3 AMP E . 23.00 -12.91 3.40
C4 AMP E . 22.36 -11.85 2.89
H5'1 AMP E . 22.01 -6.35 4.44
H5'2 AMP E . 23.46 -5.62 3.76
H4' AMP E . 23.99 -7.28 5.51
H3' AMP E . 25.39 -7.12 3.18
HO3' AMP E . 26.78 -8.73 4.20
H2' AMP E . 23.95 -8.62 2.01
HO2' AMP E . 26.14 -9.39 1.75
H1' AMP E . 24.13 -10.55 4.35
H8 AMP E . 21.44 -8.87 2.13
HN61 AMP E . 19.57 -14.79 0.82
HN62 AMP E . 19.24 -13.10 0.53
H2 AMP E . 23.16 -14.99 3.57
#